data_3UJS
#
_entry.id   3UJS
#
_cell.length_a   114.453
_cell.length_b   119.816
_cell.length_c   68.213
_cell.angle_alpha   90.00
_cell.angle_beta   90.00
_cell.angle_gamma   90.00
#
_symmetry.space_group_name_H-M   'P 21 21 2'
#
loop_
_entity.id
_entity.type
_entity.pdbx_description
1 polymer Gamma-enolase
2 non-polymer 'MAGNESIUM ION'
3 non-polymer '(2R)-3-oxo-2-(phosphonooxy)propanoic acid'
4 non-polymer 2-AMINO-2-HYDROXYMETHYL-PROPANE-1,3-DIOL
5 non-polymer '(2R)-2-(phosphonooxy)propanoic acid'
6 water water
#
_entity_poly.entity_id   1
_entity_poly.type   'polypeptide(L)'
_entity_poly.pdbx_seq_one_letter_code
;SIEKIWAREILDSRGNPTVEVDLYTAKGLFRAAVPSGASTGIYEALELRDGDKQRYLGKGVLKAVDHINSTIAPALISSG
LSVVEQEKLDNLMLELDGTENKSKFGANAILGVSLAVCKAGAAERELPLYRHIAQLAGNSDLILPVPAFNVINGGSHAGN
KLAMQEFMILPVGAESFRDAMRLGAEVYHTLKGVIKDKYGKDATNVGDEGGFAPNILENSEALELVKEAIDKAGYTEKIV
IGMDVAASEFYRDGKYDLDFKSPTDPSRYITGDQLGALYQDFVRDYPVVSIEDPFDQDDWAAWSKFTANVGIQIVGDDLT
VTNPKRIERAVEEKACNCLLLKVNQIGSVTEAIQACKLAQENGWGVMVSHRSGETEDTFIADLVVGLCTGQIKTGAPCRS
ERLAKYNQLMRIEEELGDEARFAGHNFRNPSVLHHHHHHHHHH
;
_entity_poly.pdbx_strand_id   A,B
#
# COMPACT_ATOMS: atom_id res chain seq x y z
N SER A 1 27.14 -18.00 -8.76
CA SER A 1 26.80 -16.97 -9.78
C SER A 1 26.49 -15.62 -9.06
N ILE A 2 26.61 -15.49 -7.73
CA ILE A 2 26.27 -14.17 -7.14
C ILE A 2 27.37 -13.19 -7.23
N GLU A 3 27.08 -11.99 -7.73
CA GLU A 3 28.13 -10.99 -8.02
C GLU A 3 28.24 -9.96 -6.90
N LYS A 4 27.10 -9.60 -6.30
CA LYS A 4 27.08 -8.53 -5.28
C LYS A 4 25.73 -8.64 -4.55
N ILE A 5 25.78 -8.39 -3.24
CA ILE A 5 24.54 -8.32 -2.43
C ILE A 5 24.61 -7.02 -1.66
N TRP A 6 23.50 -6.27 -1.71
CA TRP A 6 23.43 -5.06 -0.92
C TRP A 6 22.05 -4.90 -0.32
N ALA A 7 22.04 -4.79 1.01
CA ALA A 7 20.83 -4.61 1.76
C ALA A 7 20.65 -3.18 2.22
N ARG A 8 19.39 -2.81 2.51
CA ARG A 8 19.09 -1.47 3.08
C ARG A 8 17.85 -1.54 3.96
N GLU A 9 17.58 -0.47 4.72
CA GLU A 9 16.36 -0.35 5.51
C GLU A 9 15.37 0.44 4.61
N ILE A 10 14.17 -0.13 4.48
CA ILE A 10 13.04 0.58 3.88
C ILE A 10 11.95 0.67 4.93
N LEU A 11 10.84 1.35 4.62
CA LEU A 11 9.71 1.31 5.54
C LEU A 11 8.65 0.36 5.05
N ASP A 12 8.08 -0.35 6.01
CA ASP A 12 6.89 -1.22 5.77
C ASP A 12 5.58 -0.48 5.80
N SER A 13 4.45 -1.24 5.70
CA SER A 13 3.17 -0.59 5.47
C SER A 13 2.65 0.13 6.73
N ARG A 14 3.26 -0.10 7.88
CA ARG A 14 2.90 0.64 9.09
C ARG A 14 3.88 1.74 9.37
N GLY A 15 4.88 1.96 8.53
CA GLY A 15 5.88 3.01 8.78
C GLY A 15 7.02 2.53 9.66
N ASN A 16 7.21 1.21 9.82
CA ASN A 16 8.39 0.70 10.59
C ASN A 16 9.49 0.22 9.68
N PRO A 17 10.75 0.33 10.08
CA PRO A 17 11.83 -0.18 9.22
C PRO A 17 11.71 -1.69 8.96
N THR A 18 12.14 -2.08 7.77
CA THR A 18 12.35 -3.48 7.49
C THR A 18 13.48 -3.64 6.47
N VAL A 19 13.94 -4.86 6.31
CA VAL A 19 15.06 -5.17 5.43
C VAL A 19 14.61 -5.36 3.98
N GLU A 20 15.37 -4.74 3.09
CA GLU A 20 15.26 -5.02 1.68
C GLU A 20 16.63 -5.43 1.17
N VAL A 21 16.66 -6.41 0.26
CA VAL A 21 17.95 -6.89 -0.29
C VAL A 21 17.96 -6.78 -1.82
N ASP A 22 19.05 -6.23 -2.35
CA ASP A 22 19.36 -6.26 -3.81
C ASP A 22 20.41 -7.36 -4.06
N LEU A 23 20.17 -8.25 -5.00
CA LEU A 23 21.15 -9.31 -5.26
C LEU A 23 21.40 -9.22 -6.78
N TYR A 24 22.69 -9.11 -7.15
CA TYR A 24 23.06 -9.07 -8.57
C TYR A 24 23.64 -10.37 -9.08
N THR A 25 23.23 -10.74 -10.29
CA THR A 25 23.88 -11.81 -11.03
C THR A 25 24.15 -11.25 -12.43
N ALA A 26 24.73 -12.08 -13.31
CA ALA A 26 24.89 -11.65 -14.67
C ALA A 26 23.54 -11.30 -15.33
N LYS A 27 22.43 -11.81 -14.81
CA LYS A 27 21.10 -11.52 -15.34
C LYS A 27 20.50 -10.22 -14.86
N GLY A 28 21.16 -9.56 -13.95
CA GLY A 28 20.62 -8.33 -13.47
C GLY A 28 20.41 -8.19 -11.96
N LEU A 29 19.47 -7.33 -11.58
CA LEU A 29 19.19 -7.02 -10.19
C LEU A 29 17.92 -7.68 -9.76
N PHE A 30 17.96 -8.30 -8.58
CA PHE A 30 16.76 -8.98 -8.00
C PHE A 30 16.59 -8.43 -6.62
N ARG A 31 15.38 -7.97 -6.34
CA ARG A 31 15.16 -7.23 -5.09
C ARG A 31 13.98 -7.84 -4.36
N ALA A 32 14.16 -8.00 -3.06
CA ALA A 32 13.11 -8.56 -2.18
C ALA A 32 13.07 -7.82 -0.87
N ALA A 33 11.92 -7.85 -0.19
CA ALA A 33 11.86 -7.19 1.14
C ALA A 33 11.13 -8.12 2.11
N VAL A 34 11.36 -7.88 3.41
CA VAL A 34 10.84 -8.81 4.42
C VAL A 34 9.66 -8.18 5.20
N PRO A 35 8.60 -8.98 5.44
CA PRO A 35 7.46 -8.45 6.18
C PRO A 35 7.67 -8.61 7.69
N SER A 36 6.71 -8.09 8.46
CA SER A 36 6.86 -8.12 9.90
C SER A 36 5.49 -8.16 10.59
N GLY A 37 5.36 -9.07 11.57
CA GLY A 37 4.09 -9.18 12.23
C GLY A 37 3.98 -8.28 13.45
N ALA A 38 2.73 -8.13 13.91
CA ALA A 38 2.45 -7.47 15.27
C ALA A 38 1.93 -8.54 16.19
N SER A 39 0.98 -9.38 15.73
CA SER A 39 0.57 -10.51 16.59
C SER A 39 1.44 -11.72 16.35
N THR A 40 2.67 -11.64 16.86
CA THR A 40 3.67 -12.61 16.57
C THR A 40 3.68 -13.67 17.63
N GLY A 41 3.73 -14.90 17.20
CA GLY A 41 3.82 -16.05 18.12
C GLY A 41 5.10 -16.10 18.85
N ILE A 42 5.04 -16.52 20.12
CA ILE A 42 6.29 -16.74 20.84
C ILE A 42 7.34 -17.69 20.25
N TYR A 43 6.96 -18.58 19.33
CA TYR A 43 7.92 -19.57 18.79
C TYR A 43 8.46 -19.14 17.42
N GLU A 44 8.06 -17.94 16.95
CA GLU A 44 8.60 -17.45 15.65
C GLU A 44 10.12 -17.28 15.71
N ALA A 45 10.77 -17.48 14.57
CA ALA A 45 12.20 -17.16 14.42
C ALA A 45 12.45 -15.70 14.77
N LEU A 46 13.64 -15.38 15.30
CA LEU A 46 13.87 -14.02 15.88
C LEU A 46 13.88 -12.90 14.79
N GLU A 47 13.07 -11.87 14.96
CA GLU A 47 13.18 -10.68 14.15
C GLU A 47 14.14 -9.75 14.85
N LEU A 48 15.29 -9.49 14.22
CA LEU A 48 16.36 -8.69 14.90
C LEU A 48 16.10 -7.19 14.66
N ARG A 49 15.84 -6.47 15.73
CA ARG A 49 15.67 -5.01 15.71
C ARG A 49 16.81 -4.41 16.51
N ASP A 50 17.13 -3.13 16.24
CA ASP A 50 18.34 -2.50 16.82
C ASP A 50 18.17 -2.13 18.29
N GLY A 51 16.95 -1.75 18.73
CA GLY A 51 16.71 -1.35 20.12
C GLY A 51 17.36 -0.01 20.43
N ASP A 52 17.67 0.79 19.42
CA ASP A 52 18.13 2.16 19.69
C ASP A 52 16.90 3.03 19.89
N LYS A 53 16.58 3.30 21.16
CA LYS A 53 15.26 3.76 21.55
C LYS A 53 15.00 5.16 20.99
N GLN A 54 16.05 5.89 20.65
CA GLN A 54 15.92 7.21 20.04
C GLN A 54 15.48 7.14 18.60
N ARG A 55 15.93 6.06 17.89
CA ARG A 55 15.83 5.92 16.46
C ARG A 55 14.70 4.95 16.06
N TYR A 56 13.69 5.47 15.36
CA TYR A 56 12.56 4.61 15.05
C TYR A 56 11.97 3.87 16.23
N LEU A 57 12.03 4.52 17.43
CA LEU A 57 11.40 3.95 18.63
C LEU A 57 11.97 2.57 18.87
N GLY A 58 13.26 2.39 18.53
CA GLY A 58 13.99 1.13 18.78
C GLY A 58 13.76 0.05 17.68
N LYS A 59 13.10 0.44 16.58
CA LYS A 59 12.76 -0.55 15.59
C LYS A 59 13.60 -0.51 14.34
N GLY A 60 14.75 0.19 14.35
CA GLY A 60 15.67 0.11 13.21
C GLY A 60 16.14 -1.34 12.92
N VAL A 61 16.53 -1.55 11.68
CA VAL A 61 17.06 -2.91 11.31
C VAL A 61 18.47 -2.74 10.73
N LEU A 62 19.21 -1.72 11.21
CA LEU A 62 20.60 -1.59 10.75
C LEU A 62 21.50 -2.77 11.12
N LYS A 63 21.26 -3.40 12.29
CA LYS A 63 22.09 -4.58 12.62
C LYS A 63 21.90 -5.72 11.61
N ALA A 64 20.63 -6.02 11.27
CA ALA A 64 20.39 -7.06 10.30
C ALA A 64 21.00 -6.67 8.95
N VAL A 65 20.73 -5.40 8.53
CA VAL A 65 21.31 -4.96 7.25
C VAL A 65 22.86 -5.16 7.22
N ASP A 66 23.53 -4.75 8.29
CA ASP A 66 25.03 -4.88 8.38
C ASP A 66 25.42 -6.38 8.39
N HIS A 67 24.62 -7.25 9.05
CA HIS A 67 24.92 -8.69 8.95
C HIS A 67 24.90 -9.16 7.50
N ILE A 68 23.87 -8.72 6.76
CA ILE A 68 23.81 -9.13 5.36
C ILE A 68 25.00 -8.56 4.56
N ASN A 69 25.26 -7.24 4.68
CA ASN A 69 26.23 -6.63 3.81
C ASN A 69 27.68 -7.08 4.08
N SER A 70 27.97 -7.29 5.37
CA SER A 70 29.41 -7.49 5.78
C SER A 70 29.72 -8.91 6.01
N THR A 71 28.70 -9.76 6.24
CA THR A 71 29.02 -11.16 6.61
C THR A 71 28.33 -12.17 5.72
N ILE A 72 27.02 -12.05 5.63
CA ILE A 72 26.35 -12.98 4.72
C ILE A 72 26.73 -12.85 3.25
N ALA A 73 26.79 -11.63 2.74
CA ALA A 73 27.15 -11.39 1.28
C ALA A 73 28.46 -12.10 0.85
N PRO A 74 29.60 -11.79 1.56
CA PRO A 74 30.82 -12.46 1.11
C PRO A 74 30.74 -13.98 1.23
N ALA A 75 30.04 -14.47 2.27
CA ALA A 75 29.97 -15.90 2.45
C ALA A 75 29.29 -16.56 1.20
N LEU A 76 28.19 -15.97 0.72
CA LEU A 76 27.50 -16.56 -0.41
C LEU A 76 28.24 -16.35 -1.74
N ILE A 77 28.88 -15.20 -1.85
CA ILE A 77 29.80 -14.91 -3.01
C ILE A 77 30.94 -15.95 -3.02
N SER A 78 31.54 -16.21 -1.86
CA SER A 78 32.65 -17.20 -1.72
C SER A 78 32.20 -18.63 -2.00
N SER A 79 30.92 -18.92 -1.85
CA SER A 79 30.49 -20.31 -2.03
C SER A 79 30.61 -20.71 -3.52
N GLY A 80 30.54 -19.72 -4.39
CA GLY A 80 30.45 -19.92 -5.85
C GLY A 80 29.25 -20.69 -6.31
N LEU A 81 28.24 -20.91 -5.40
CA LEU A 81 27.02 -21.62 -5.75
C LEU A 81 26.16 -20.86 -6.73
N SER A 82 25.49 -21.58 -7.63
CA SER A 82 24.53 -20.92 -8.54
C SER A 82 23.34 -20.45 -7.68
N VAL A 83 22.74 -19.34 -8.06
CA VAL A 83 21.48 -18.93 -7.40
C VAL A 83 20.30 -19.91 -7.63
N VAL A 84 20.42 -20.87 -8.55
CA VAL A 84 19.35 -21.92 -8.60
C VAL A 84 19.41 -22.86 -7.40
N GLU A 85 20.58 -22.90 -6.70
CA GLU A 85 20.77 -23.84 -5.57
C GLU A 85 20.18 -23.30 -4.29
N GLN A 86 18.84 -23.18 -4.29
CA GLN A 86 18.14 -22.49 -3.17
C GLN A 86 18.49 -23.22 -1.88
N GLU A 87 18.40 -24.55 -1.88
CA GLU A 87 18.61 -25.28 -0.62
C GLU A 87 20.03 -25.20 -0.08
N LYS A 88 21.03 -25.27 -0.97
CA LYS A 88 22.39 -25.16 -0.51
C LYS A 88 22.71 -23.78 -0.02
N LEU A 89 22.19 -22.74 -0.69
CA LEU A 89 22.43 -21.39 -0.22
C LEU A 89 21.73 -21.14 1.12
N ASP A 90 20.47 -21.58 1.23
CA ASP A 90 19.77 -21.40 2.51
C ASP A 90 20.51 -22.13 3.64
N ASN A 91 20.93 -23.35 3.34
CA ASN A 91 21.69 -24.15 4.39
C ASN A 91 22.97 -23.48 4.87
N LEU A 92 23.68 -22.83 3.93
CA LEU A 92 24.87 -22.10 4.21
C LEU A 92 24.55 -20.99 5.19
N MET A 93 23.48 -20.24 4.93
CA MET A 93 23.11 -19.16 5.86
C MET A 93 22.72 -19.70 7.26
N LEU A 94 21.98 -20.81 7.28
CA LEU A 94 21.45 -21.36 8.54
C LEU A 94 22.66 -21.81 9.37
N GLU A 95 23.62 -22.46 8.70
CA GLU A 95 24.85 -22.92 9.38
C GLU A 95 25.72 -21.75 9.86
N LEU A 96 25.78 -20.68 9.06
CA LEU A 96 26.68 -19.54 9.41
C LEU A 96 26.05 -18.82 10.60
N ASP A 97 24.70 -18.83 10.66
CA ASP A 97 24.03 -18.21 11.79
C ASP A 97 24.24 -19.11 13.04
N GLY A 98 24.03 -20.39 12.84
CA GLY A 98 24.41 -21.38 13.88
C GLY A 98 23.50 -21.49 15.10
N THR A 99 22.34 -20.79 15.11
CA THR A 99 21.43 -20.87 16.28
C THR A 99 20.10 -21.46 15.80
N GLU A 100 19.29 -22.00 16.73
CA GLU A 100 18.01 -22.64 16.40
C GLU A 100 17.03 -21.61 15.87
N ASN A 101 17.06 -20.41 16.41
CA ASN A 101 16.03 -19.40 16.13
C ASN A 101 16.51 -18.22 15.26
N LYS A 102 17.68 -18.40 14.65
CA LYS A 102 18.33 -17.37 13.72
C LYS A 102 18.54 -16.10 14.55
N SER A 103 18.97 -16.24 15.79
CA SER A 103 19.16 -15.09 16.63
C SER A 103 20.52 -14.36 16.49
N LYS A 104 21.44 -14.91 15.74
CA LYS A 104 22.70 -14.20 15.49
C LYS A 104 22.51 -13.13 14.40
N PHE A 105 21.98 -13.56 13.24
CA PHE A 105 21.81 -12.59 12.13
C PHE A 105 20.42 -11.97 12.16
N GLY A 106 19.47 -12.65 12.79
CA GLY A 106 18.00 -12.29 12.56
C GLY A 106 17.42 -13.10 11.44
N ALA A 107 16.23 -13.64 11.67
CA ALA A 107 15.47 -14.26 10.55
C ALA A 107 15.19 -13.26 9.48
N ASN A 108 15.08 -11.99 9.86
CA ASN A 108 14.85 -10.97 8.82
C ASN A 108 16.07 -10.75 7.90
N ALA A 109 17.30 -10.97 8.41
CA ALA A 109 18.48 -10.83 7.55
C ALA A 109 18.52 -12.04 6.64
N ILE A 110 18.34 -13.23 7.20
CA ILE A 110 18.49 -14.41 6.36
C ILE A 110 17.37 -14.50 5.28
N LEU A 111 16.13 -14.22 5.68
CA LEU A 111 15.02 -14.34 4.75
C LEU A 111 15.18 -13.34 3.61
N GLY A 112 15.59 -12.10 3.91
CA GLY A 112 15.73 -11.12 2.83
C GLY A 112 16.62 -11.65 1.71
N VAL A 113 17.75 -12.25 2.12
CA VAL A 113 18.63 -12.82 1.13
C VAL A 113 18.02 -14.05 0.44
N SER A 114 17.38 -14.93 1.21
CA SER A 114 16.78 -16.11 0.66
C SER A 114 15.74 -15.79 -0.44
N LEU A 115 14.95 -14.77 -0.20
CA LEU A 115 13.94 -14.36 -1.18
C LEU A 115 14.61 -13.79 -2.47
N ALA A 116 15.68 -13.01 -2.27
CA ALA A 116 16.39 -12.38 -3.44
C ALA A 116 17.06 -13.47 -4.26
N VAL A 117 17.67 -14.44 -3.57
CA VAL A 117 18.25 -15.62 -4.21
C VAL A 117 17.22 -16.38 -5.05
N CYS A 118 16.02 -16.54 -4.54
CA CYS A 118 14.99 -17.31 -5.24
C CYS A 118 14.57 -16.54 -6.51
N LYS A 119 14.39 -15.23 -6.41
CA LYS A 119 14.06 -14.46 -7.63
C LYS A 119 15.20 -14.54 -8.64
N ALA A 120 16.45 -14.47 -8.15
CA ALA A 120 17.60 -14.59 -9.11
C ALA A 120 17.63 -15.98 -9.75
N GLY A 121 17.33 -17.02 -8.95
CA GLY A 121 17.33 -18.34 -9.44
C GLY A 121 16.30 -18.55 -10.53
N ALA A 122 15.11 -17.98 -10.36
CA ALA A 122 14.12 -18.02 -11.39
C ALA A 122 14.67 -17.46 -12.71
N ALA A 123 15.27 -16.28 -12.66
CA ALA A 123 15.86 -15.67 -13.86
C ALA A 123 16.94 -16.59 -14.46
N GLU A 124 17.77 -17.19 -13.61
CA GLU A 124 18.82 -18.10 -14.10
C GLU A 124 18.21 -19.26 -14.89
N ARG A 125 17.08 -19.79 -14.42
CA ARG A 125 16.38 -20.83 -15.14
C ARG A 125 15.50 -20.36 -16.31
N GLU A 126 15.43 -19.04 -16.57
CA GLU A 126 14.61 -18.43 -17.60
C GLU A 126 13.12 -18.86 -17.35
N LEU A 127 12.69 -18.78 -16.07
CA LEU A 127 11.37 -19.16 -15.64
C LEU A 127 10.75 -17.97 -14.85
N PRO A 128 9.42 -17.78 -14.98
CA PRO A 128 8.72 -16.90 -14.08
C PRO A 128 8.92 -17.44 -12.64
N LEU A 129 8.85 -16.54 -11.65
CA LEU A 129 9.12 -16.99 -10.29
C LEU A 129 8.18 -18.14 -9.84
N TYR A 130 6.88 -18.08 -10.12
CA TYR A 130 5.97 -19.15 -9.64
C TYR A 130 6.37 -20.51 -10.21
N ARG A 131 6.90 -20.54 -11.44
CA ARG A 131 7.32 -21.84 -12.03
C ARG A 131 8.62 -22.32 -11.40
N HIS A 132 9.53 -21.40 -11.11
CA HIS A 132 10.77 -21.82 -10.41
C HIS A 132 10.42 -22.40 -8.99
N ILE A 133 9.50 -21.74 -8.24
CA ILE A 133 9.09 -22.26 -6.96
C ILE A 133 8.43 -23.64 -7.11
N ALA A 134 7.53 -23.82 -8.09
CA ALA A 134 6.94 -25.14 -8.39
C ALA A 134 8.05 -26.18 -8.57
N GLN A 135 9.08 -25.83 -9.30
CA GLN A 135 10.18 -26.81 -9.50
C GLN A 135 10.93 -27.13 -8.20
N LEU A 136 11.21 -26.11 -7.39
CA LEU A 136 11.86 -26.31 -6.11
C LEU A 136 11.02 -27.24 -5.23
N ALA A 137 9.70 -27.15 -5.33
CA ALA A 137 8.80 -27.87 -4.45
C ALA A 137 8.48 -29.22 -5.08
N GLY A 138 8.79 -29.37 -6.37
CA GLY A 138 8.46 -30.63 -7.09
C GLY A 138 7.04 -30.74 -7.60
N ASN A 139 6.40 -29.62 -7.93
CA ASN A 139 5.09 -29.57 -8.51
C ASN A 139 5.15 -29.28 -9.98
N SER A 140 4.20 -29.88 -10.73
CA SER A 140 3.96 -29.58 -12.15
C SER A 140 2.71 -28.83 -12.51
N ASP A 141 1.63 -28.92 -11.74
CA ASP A 141 0.35 -28.56 -12.34
C ASP A 141 -0.32 -27.44 -11.51
N LEU A 142 0.03 -26.16 -11.82
CA LEU A 142 -0.16 -24.94 -10.99
C LEU A 142 -1.64 -24.58 -10.70
N ILE A 143 -1.91 -23.93 -9.56
CA ILE A 143 -3.30 -23.63 -9.22
C ILE A 143 -3.43 -22.17 -8.77
N LEU A 144 -4.38 -21.41 -9.30
CA LEU A 144 -4.64 -20.09 -8.70
C LEU A 144 -5.45 -20.30 -7.43
N PRO A 145 -5.09 -19.63 -6.34
CA PRO A 145 -5.77 -19.88 -5.06
C PRO A 145 -7.05 -19.06 -4.85
N VAL A 146 -7.90 -19.55 -3.97
CA VAL A 146 -8.99 -18.69 -3.48
C VAL A 146 -8.39 -17.68 -2.56
N PRO A 147 -8.67 -16.38 -2.80
CA PRO A 147 -8.16 -15.38 -1.85
C PRO A 147 -9.10 -15.29 -0.63
N ALA A 148 -8.51 -15.03 0.53
CA ALA A 148 -9.27 -14.82 1.75
C ALA A 148 -9.03 -13.38 2.18
N PHE A 149 -10.07 -12.59 1.97
CA PHE A 149 -9.91 -11.09 2.15
C PHE A 149 -10.36 -10.68 3.55
N ASN A 150 -9.47 -10.04 4.33
CA ASN A 150 -9.79 -9.63 5.72
C ASN A 150 -10.51 -8.29 5.69
N VAL A 151 -11.86 -8.31 5.71
CA VAL A 151 -12.63 -7.12 5.44
C VAL A 151 -13.10 -6.37 6.67
N ILE A 152 -13.02 -6.98 7.88
CA ILE A 152 -13.21 -6.28 9.11
C ILE A 152 -12.02 -6.66 9.96
N ASN A 153 -11.28 -5.63 10.42
CA ASN A 153 -10.08 -5.85 11.17
C ASN A 153 -10.39 -5.60 12.61
N GLY A 154 -9.90 -6.48 13.47
CA GLY A 154 -10.00 -6.29 14.92
C GLY A 154 -8.68 -6.63 15.62
N GLY A 155 -8.74 -7.07 16.87
CA GLY A 155 -7.58 -7.45 17.62
C GLY A 155 -6.46 -6.42 17.63
N SER A 156 -5.23 -6.91 17.45
CA SER A 156 -4.08 -6.03 17.53
C SER A 156 -3.86 -5.23 16.24
N HIS A 157 -4.79 -5.35 15.27
CA HIS A 157 -4.64 -4.63 14.01
C HIS A 157 -5.55 -3.45 13.88
N ALA A 158 -6.36 -3.13 14.91
CA ALA A 158 -7.30 -2.01 14.73
C ALA A 158 -7.61 -1.35 16.08
N GLY A 159 -7.97 -0.09 15.99
CA GLY A 159 -8.41 0.72 17.12
C GLY A 159 -9.94 0.51 17.23
N ASN A 160 -10.33 -0.53 17.91
CA ASN A 160 -11.76 -0.78 18.20
C ASN A 160 -11.74 -1.77 19.34
N LYS A 161 -12.90 -2.17 19.90
CA LYS A 161 -12.87 -3.16 20.99
C LYS A 161 -12.84 -4.57 20.46
N LEU A 162 -13.33 -4.75 19.22
CA LEU A 162 -13.45 -6.07 18.55
C LEU A 162 -12.16 -6.91 18.81
N ALA A 163 -12.25 -8.00 19.57
CA ALA A 163 -11.13 -8.74 19.98
C ALA A 163 -10.58 -9.66 18.91
N MET A 164 -11.46 -10.28 18.13
CA MET A 164 -10.94 -11.27 17.14
C MET A 164 -10.30 -10.50 16.05
N GLN A 165 -9.19 -11.07 15.50
CA GLN A 165 -8.34 -10.26 14.61
C GLN A 165 -8.91 -10.01 13.22
N GLU A 166 -9.43 -11.07 12.58
CA GLU A 166 -9.70 -10.96 11.16
C GLU A 166 -10.99 -11.68 10.84
N PHE A 167 -11.80 -11.00 10.05
CA PHE A 167 -13.00 -11.58 9.46
C PHE A 167 -12.88 -11.51 7.97
N MET A 168 -12.80 -12.72 7.34
CA MET A 168 -12.41 -12.79 5.93
C MET A 168 -13.56 -13.32 5.06
N ILE A 169 -13.56 -12.93 3.81
CA ILE A 169 -14.52 -13.47 2.81
C ILE A 169 -13.69 -14.27 1.81
N LEU A 170 -14.16 -15.46 1.41
CA LEU A 170 -13.47 -16.34 0.42
C LEU A 170 -14.44 -16.54 -0.75
N PRO A 171 -14.17 -15.97 -1.92
CA PRO A 171 -15.07 -16.22 -3.04
C PRO A 171 -14.81 -17.61 -3.72
N VAL A 172 -15.15 -18.65 -2.97
CA VAL A 172 -15.06 -20.07 -3.47
C VAL A 172 -15.89 -20.32 -4.73
N GLY A 173 -16.99 -19.57 -4.90
CA GLY A 173 -17.88 -19.73 -6.07
C GLY A 173 -17.52 -18.88 -7.29
N ALA A 174 -16.40 -18.14 -7.24
CA ALA A 174 -15.97 -17.41 -8.41
C ALA A 174 -15.56 -18.29 -9.61
N GLU A 175 -15.56 -17.69 -10.80
CA GLU A 175 -15.20 -18.40 -12.06
C GLU A 175 -13.68 -18.56 -12.31
N SER A 176 -12.95 -17.65 -11.65
CA SER A 176 -11.54 -17.43 -11.94
C SER A 176 -10.97 -16.58 -10.79
N PHE A 177 -9.65 -16.42 -10.81
CA PHE A 177 -9.04 -15.56 -9.80
C PHE A 177 -9.47 -14.11 -10.04
N ARG A 178 -9.43 -13.69 -11.30
CA ARG A 178 -9.84 -12.30 -11.60
C ARG A 178 -11.31 -12.08 -11.19
N ASP A 179 -12.21 -13.07 -11.41
CA ASP A 179 -13.57 -12.91 -10.93
C ASP A 179 -13.64 -12.93 -9.40
N ALA A 180 -12.82 -13.73 -8.73
CA ALA A 180 -12.72 -13.64 -7.26
C ALA A 180 -12.37 -12.21 -6.78
N MET A 181 -11.44 -11.54 -7.46
CA MET A 181 -11.15 -10.13 -7.12
C MET A 181 -12.37 -9.23 -7.23
N ARG A 182 -13.14 -9.43 -8.29
CA ARG A 182 -14.34 -8.61 -8.45
C ARG A 182 -15.32 -8.93 -7.32
N LEU A 183 -15.59 -10.21 -7.07
CA LEU A 183 -16.47 -10.56 -5.93
C LEU A 183 -15.98 -9.95 -4.60
N GLY A 184 -14.70 -10.07 -4.29
CA GLY A 184 -14.23 -9.56 -3.03
C GLY A 184 -14.32 -8.05 -2.97
N ALA A 185 -13.94 -7.37 -4.06
CA ALA A 185 -13.99 -5.88 -4.06
C ALA A 185 -15.49 -5.37 -3.93
N GLU A 186 -16.40 -6.04 -4.62
CA GLU A 186 -17.78 -5.61 -4.56
C GLU A 186 -18.34 -5.80 -3.17
N VAL A 187 -18.05 -6.94 -2.53
CA VAL A 187 -18.50 -7.15 -1.17
C VAL A 187 -17.86 -6.12 -0.23
N TYR A 188 -16.58 -5.84 -0.42
CA TYR A 188 -15.91 -4.88 0.44
C TYR A 188 -16.58 -3.49 0.30
N HIS A 189 -16.82 -3.02 -0.92
CA HIS A 189 -17.43 -1.69 -1.10
C HIS A 189 -18.88 -1.68 -0.60
N THR A 190 -19.58 -2.83 -0.71
CA THR A 190 -20.95 -2.93 -0.21
C THR A 190 -20.93 -2.86 1.31
N LEU A 191 -19.96 -3.56 1.92
CA LEU A 191 -19.72 -3.59 3.35
C LEU A 191 -19.46 -2.18 3.90
N LYS A 192 -18.71 -1.40 3.16
CA LYS A 192 -18.47 0.03 3.61
C LYS A 192 -19.80 0.73 3.83
N GLY A 193 -20.74 0.52 2.89
CA GLY A 193 -22.02 1.25 2.92
C GLY A 193 -22.91 0.66 4.01
N VAL A 194 -22.82 -0.65 4.21
CA VAL A 194 -23.53 -1.30 5.33
C VAL A 194 -23.06 -0.69 6.65
N ILE A 195 -21.73 -0.52 6.78
CA ILE A 195 -21.17 -0.05 8.06
C ILE A 195 -21.52 1.42 8.24
N LYS A 196 -21.41 2.19 7.16
CA LYS A 196 -21.70 3.65 7.21
C LYS A 196 -23.19 3.89 7.62
N ASP A 197 -24.08 3.18 6.96
CA ASP A 197 -25.54 3.26 7.26
C ASP A 197 -25.84 2.93 8.71
N LYS A 198 -25.18 1.94 9.25
CA LYS A 198 -25.46 1.53 10.59
C LYS A 198 -24.75 2.32 11.67
N TYR A 199 -23.49 2.65 11.45
CA TYR A 199 -22.65 3.11 12.54
C TYR A 199 -22.13 4.52 12.21
N GLY A 200 -22.40 5.06 11.03
CA GLY A 200 -21.97 6.42 10.67
C GLY A 200 -20.68 6.40 9.78
N LYS A 201 -20.39 7.51 9.05
CA LYS A 201 -19.18 7.53 8.23
C LYS A 201 -17.90 7.34 9.03
N ASP A 202 -17.89 7.86 10.26
CA ASP A 202 -16.68 7.76 11.07
C ASP A 202 -16.28 6.35 11.47
N ALA A 203 -17.10 5.33 11.14
CA ALA A 203 -16.75 3.93 11.45
C ALA A 203 -16.10 3.25 10.26
N THR A 204 -15.80 4.00 9.19
CA THR A 204 -15.30 3.30 7.97
C THR A 204 -13.79 3.53 7.65
N ASN A 205 -13.05 4.02 8.60
CA ASN A 205 -11.58 3.98 8.47
C ASN A 205 -11.05 2.55 8.60
N VAL A 206 -9.78 2.27 8.22
CA VAL A 206 -9.33 0.88 8.12
C VAL A 206 -8.22 0.59 9.08
N GLY A 207 -8.18 -0.67 9.48
CA GLY A 207 -7.07 -1.22 10.27
C GLY A 207 -5.81 -1.55 9.40
N ASP A 208 -4.87 -2.22 10.02
CA ASP A 208 -3.54 -2.43 9.45
C ASP A 208 -3.60 -3.24 8.17
N GLU A 209 -4.60 -4.13 8.05
CA GLU A 209 -4.70 -4.93 6.85
C GLU A 209 -5.77 -4.45 5.83
N GLY A 210 -6.29 -3.23 6.00
CA GLY A 210 -7.21 -2.62 5.04
C GLY A 210 -8.70 -2.90 5.33
N GLY A 211 -8.98 -3.74 6.30
CA GLY A 211 -10.37 -4.07 6.64
C GLY A 211 -10.98 -2.96 7.47
N PHE A 212 -12.30 -2.78 7.36
CA PHE A 212 -12.88 -1.66 8.10
C PHE A 212 -12.77 -1.95 9.57
N ALA A 213 -12.70 -0.85 10.33
CA ALA A 213 -12.47 -0.98 11.76
C ALA A 213 -13.58 -0.27 12.57
N PRO A 214 -14.84 -0.63 12.34
CA PRO A 214 -15.97 -0.04 13.14
C PRO A 214 -15.77 -0.28 14.63
N ASN A 215 -16.31 0.62 15.47
CA ASN A 215 -15.98 0.52 16.90
C ASN A 215 -17.03 -0.32 17.49
N ILE A 216 -17.06 -1.56 17.04
CA ILE A 216 -17.94 -2.62 17.62
C ILE A 216 -17.18 -3.51 18.57
N LEU A 217 -17.88 -4.29 19.39
CA LEU A 217 -17.26 -5.15 20.34
C LEU A 217 -17.63 -6.60 20.06
N GLU A 218 -18.89 -6.83 19.65
CA GLU A 218 -19.39 -8.24 19.57
C GLU A 218 -18.78 -8.91 18.30
N ASN A 219 -18.17 -10.06 18.41
CA ASN A 219 -17.61 -10.73 17.17
C ASN A 219 -18.74 -11.24 16.25
N SER A 220 -19.92 -11.59 16.83
CA SER A 220 -21.09 -11.98 16.04
C SER A 220 -21.58 -10.81 15.22
N GLU A 221 -21.41 -9.57 15.68
CA GLU A 221 -21.81 -8.45 14.89
C GLU A 221 -20.89 -8.25 13.68
N ALA A 222 -19.58 -8.48 13.85
CA ALA A 222 -18.69 -8.48 12.67
C ALA A 222 -19.15 -9.54 11.67
N LEU A 223 -19.46 -10.75 12.14
CA LEU A 223 -19.96 -11.82 11.24
C LEU A 223 -21.27 -11.46 10.60
N GLU A 224 -22.20 -10.88 11.38
CA GLU A 224 -23.41 -10.32 10.81
C GLU A 224 -23.23 -9.29 9.69
N LEU A 225 -22.31 -8.33 9.88
CA LEU A 225 -22.07 -7.26 8.91
C LEU A 225 -21.55 -7.88 7.62
N VAL A 226 -20.65 -8.84 7.79
CA VAL A 226 -20.00 -9.53 6.64
C VAL A 226 -21.07 -10.33 5.89
N LYS A 227 -21.91 -11.09 6.60
CA LYS A 227 -23.02 -11.86 5.93
C LYS A 227 -23.97 -10.94 5.22
N GLU A 228 -24.36 -9.81 5.87
CA GLU A 228 -25.18 -8.73 5.22
C GLU A 228 -24.62 -8.19 3.92
N ALA A 229 -23.29 -7.86 3.95
CA ALA A 229 -22.68 -7.30 2.75
C ALA A 229 -22.61 -8.36 1.62
N ILE A 230 -22.33 -9.63 1.96
CA ILE A 230 -22.29 -10.71 0.94
C ILE A 230 -23.67 -10.84 0.24
N ASP A 231 -24.73 -10.85 1.08
CA ASP A 231 -26.12 -10.95 0.59
C ASP A 231 -26.55 -9.74 -0.18
N LYS A 232 -26.27 -8.54 0.37
CA LYS A 232 -26.58 -7.32 -0.36
C LYS A 232 -25.88 -7.20 -1.70
N ALA A 233 -24.65 -7.73 -1.76
CA ALA A 233 -23.90 -7.68 -3.01
C ALA A 233 -24.38 -8.72 -3.99
N GLY A 234 -25.24 -9.64 -3.54
CA GLY A 234 -25.74 -10.64 -4.50
C GLY A 234 -25.00 -11.95 -4.54
N TYR A 235 -24.16 -12.25 -3.55
CA TYR A 235 -23.20 -13.34 -3.66
C TYR A 235 -23.35 -14.42 -2.58
N THR A 236 -24.55 -14.50 -1.96
CA THR A 236 -24.73 -15.53 -0.92
C THR A 236 -24.28 -16.92 -1.35
N GLU A 237 -24.52 -17.29 -2.59
CA GLU A 237 -24.17 -18.68 -3.00
C GLU A 237 -22.67 -18.86 -3.41
N LYS A 238 -21.87 -17.80 -3.31
CA LYS A 238 -20.58 -17.88 -3.94
C LYS A 238 -19.45 -17.50 -2.98
N ILE A 239 -19.79 -16.95 -1.80
CA ILE A 239 -18.76 -16.41 -0.94
C ILE A 239 -19.02 -16.93 0.44
N VAL A 240 -17.99 -17.46 1.07
CA VAL A 240 -18.10 -17.97 2.42
C VAL A 240 -17.16 -17.15 3.36
N ILE A 241 -17.02 -17.55 4.63
CA ILE A 241 -16.34 -16.73 5.62
C ILE A 241 -15.24 -17.47 6.30
N GLY A 242 -14.12 -16.77 6.58
CA GLY A 242 -13.07 -17.39 7.40
C GLY A 242 -12.74 -16.40 8.50
N MET A 243 -12.14 -16.90 9.57
CA MET A 243 -11.76 -16.04 10.72
C MET A 243 -10.31 -16.40 11.13
N ASP A 244 -9.59 -15.39 11.63
CA ASP A 244 -8.38 -15.59 12.39
C ASP A 244 -8.66 -14.94 13.74
N VAL A 245 -8.81 -15.79 14.71
CA VAL A 245 -9.15 -15.32 16.05
C VAL A 245 -7.90 -14.68 16.68
N ALA A 246 -6.73 -15.28 16.41
CA ALA A 246 -5.46 -14.94 17.04
C ALA A 246 -5.61 -14.97 18.57
N ALA A 247 -6.06 -16.13 19.06
CA ALA A 247 -6.48 -16.20 20.47
C ALA A 247 -5.28 -16.02 21.41
N SER A 248 -4.03 -16.24 20.96
CA SER A 248 -2.86 -15.99 21.83
C SER A 248 -2.79 -14.52 22.27
N GLU A 249 -3.39 -13.62 21.52
CA GLU A 249 -3.31 -12.20 21.80
C GLU A 249 -4.15 -11.83 23.01
N PHE A 250 -5.09 -12.70 23.38
CA PHE A 250 -6.05 -12.33 24.45
C PHE A 250 -6.18 -13.48 25.43
N TYR A 251 -5.17 -14.32 25.39
CA TYR A 251 -5.03 -15.38 26.37
C TYR A 251 -4.52 -14.76 27.71
N ARG A 252 -5.27 -14.92 28.79
CA ARG A 252 -4.94 -14.20 30.07
C ARG A 252 -5.22 -15.16 31.21
N ASP A 253 -4.18 -15.59 31.93
CA ASP A 253 -4.32 -16.47 33.11
C ASP A 253 -5.11 -17.74 32.82
N GLY A 254 -4.78 -18.43 31.73
CA GLY A 254 -5.47 -19.71 31.43
C GLY A 254 -6.86 -19.52 30.82
N LYS A 255 -7.31 -18.28 30.69
CA LYS A 255 -8.64 -17.95 30.11
C LYS A 255 -8.48 -16.99 28.94
N TYR A 256 -9.60 -16.49 28.43
CA TYR A 256 -9.60 -15.66 27.23
C TYR A 256 -10.41 -14.39 27.41
N ASP A 257 -9.83 -13.27 27.01
CA ASP A 257 -10.46 -12.00 27.15
C ASP A 257 -10.99 -11.41 25.83
N LEU A 258 -12.30 -11.53 25.60
CA LEU A 258 -12.94 -10.89 24.43
C LEU A 258 -13.14 -9.37 24.49
N ASP A 259 -12.61 -8.70 25.55
CA ASP A 259 -12.56 -7.22 25.56
C ASP A 259 -11.13 -6.77 25.94
N PHE A 260 -10.13 -7.38 25.32
CA PHE A 260 -8.75 -7.26 25.82
C PHE A 260 -8.18 -5.82 25.60
N LYS A 261 -8.86 -5.03 24.77
CA LYS A 261 -8.37 -3.67 24.52
C LYS A 261 -9.05 -2.70 25.49
N SER A 262 -9.84 -3.24 26.42
CA SER A 262 -10.50 -2.39 27.44
C SER A 262 -9.71 -2.52 28.73
N PRO A 263 -9.70 -1.45 29.56
CA PRO A 263 -8.89 -1.64 30.79
C PRO A 263 -9.31 -2.91 31.55
N THR A 264 -8.31 -3.56 32.12
CA THR A 264 -8.40 -4.95 32.59
C THR A 264 -9.55 -5.20 33.54
N ASP A 265 -10.12 -6.38 33.41
CA ASP A 265 -11.24 -6.79 34.25
C ASP A 265 -11.40 -8.32 34.18
N PRO A 266 -10.66 -9.05 35.04
CA PRO A 266 -10.67 -10.50 34.98
C PRO A 266 -12.02 -11.18 35.11
N SER A 267 -13.03 -10.44 35.56
CA SER A 267 -14.36 -11.03 35.71
C SER A 267 -15.01 -11.35 34.36
N ARG A 268 -14.56 -10.68 33.27
CA ARG A 268 -15.11 -10.92 31.95
C ARG A 268 -14.45 -12.07 31.19
N TYR A 269 -13.39 -12.67 31.75
CA TYR A 269 -12.67 -13.77 31.06
C TYR A 269 -13.58 -15.00 30.87
N ILE A 270 -13.50 -15.63 29.69
CA ILE A 270 -14.22 -16.88 29.49
C ILE A 270 -13.23 -18.07 29.38
N THR A 271 -13.74 -19.28 29.60
CA THR A 271 -12.85 -20.40 29.49
C THR A 271 -12.70 -20.84 28.00
N GLY A 272 -11.79 -21.78 27.78
CA GLY A 272 -11.62 -22.37 26.43
C GLY A 272 -12.88 -23.12 25.97
N ASP A 273 -13.60 -23.73 26.91
CA ASP A 273 -14.85 -24.42 26.54
C ASP A 273 -15.91 -23.44 26.16
N GLN A 274 -16.02 -22.34 26.89
CA GLN A 274 -16.93 -21.29 26.50
C GLN A 274 -16.59 -20.70 25.11
N LEU A 275 -15.31 -20.46 24.91
CA LEU A 275 -14.82 -20.01 23.61
C LEU A 275 -15.19 -20.98 22.47
N GLY A 276 -14.94 -22.28 22.65
CA GLY A 276 -15.27 -23.26 21.62
C GLY A 276 -16.76 -23.26 21.36
N ALA A 277 -17.62 -23.04 22.39
CA ALA A 277 -19.06 -23.09 22.17
C ALA A 277 -19.49 -21.92 21.38
N LEU A 278 -18.82 -20.77 21.60
CA LEU A 278 -19.09 -19.60 20.83
C LEU A 278 -18.74 -19.95 19.35
N TYR A 279 -17.59 -20.59 19.08
CA TYR A 279 -17.25 -20.96 17.67
C TYR A 279 -18.31 -21.87 17.03
N GLN A 280 -18.81 -22.83 17.80
CA GLN A 280 -19.91 -23.72 17.30
C GLN A 280 -21.12 -22.91 16.89
N ASP A 281 -21.53 -21.90 17.71
CA ASP A 281 -22.59 -20.98 17.30
C ASP A 281 -22.29 -20.22 15.97
N PHE A 282 -21.06 -19.74 15.84
CA PHE A 282 -20.70 -19.01 14.65
C PHE A 282 -20.83 -19.97 13.46
N VAL A 283 -20.38 -21.21 13.63
CA VAL A 283 -20.35 -22.16 12.51
C VAL A 283 -21.81 -22.54 12.10
N ARG A 284 -22.68 -22.63 13.11
CA ARG A 284 -24.10 -22.90 12.89
C ARG A 284 -24.84 -21.71 12.22
N ASP A 285 -24.56 -20.48 12.67
CA ASP A 285 -25.33 -19.31 12.24
C ASP A 285 -24.80 -18.57 11.05
N TYR A 286 -23.51 -18.76 10.74
CA TYR A 286 -22.91 -18.07 9.61
C TYR A 286 -22.13 -19.02 8.73
N PRO A 287 -21.86 -18.62 7.45
CA PRO A 287 -21.16 -19.59 6.59
C PRO A 287 -19.63 -19.62 6.84
N VAL A 288 -19.22 -19.87 8.10
CA VAL A 288 -17.84 -19.98 8.49
C VAL A 288 -17.27 -21.36 8.10
N VAL A 289 -16.26 -21.32 7.26
CA VAL A 289 -15.70 -22.59 6.80
C VAL A 289 -14.26 -22.78 7.29
N SER A 290 -13.67 -21.76 7.98
CA SER A 290 -12.25 -21.84 8.37
C SER A 290 -12.07 -20.93 9.59
N ILE A 291 -11.40 -21.46 10.60
CA ILE A 291 -11.05 -20.69 11.83
C ILE A 291 -9.60 -20.93 12.14
N GLU A 292 -8.85 -19.82 12.23
CA GLU A 292 -7.44 -19.90 12.48
C GLU A 292 -7.14 -19.43 13.93
N ASP A 293 -6.16 -20.09 14.54
CA ASP A 293 -5.71 -19.83 15.96
C ASP A 293 -6.87 -19.65 16.95
N PRO A 294 -7.79 -20.63 16.94
CA PRO A 294 -8.99 -20.47 17.81
C PRO A 294 -8.56 -20.48 19.29
N PHE A 295 -7.37 -21.03 19.60
CA PHE A 295 -6.91 -21.06 21.00
C PHE A 295 -5.45 -20.71 21.04
N ASP A 296 -4.95 -20.54 22.26
CA ASP A 296 -3.58 -20.06 22.47
C ASP A 296 -2.56 -21.04 21.87
N GLN A 297 -1.35 -20.55 21.57
CA GLN A 297 -0.30 -21.33 20.89
C GLN A 297 0.23 -22.49 21.71
N ASP A 298 -0.05 -22.50 23.03
CA ASP A 298 0.40 -23.60 23.95
C ASP A 298 -0.81 -24.45 24.41
N ASP A 299 -2.02 -24.04 24.04
CA ASP A 299 -3.30 -24.70 24.55
C ASP A 299 -3.68 -25.94 23.72
N TRP A 300 -2.79 -26.93 23.65
CA TRP A 300 -2.89 -28.02 22.70
C TRP A 300 -4.17 -28.83 22.87
N ALA A 301 -4.55 -29.09 24.14
CA ALA A 301 -5.70 -29.95 24.39
C ALA A 301 -6.95 -29.34 23.76
N ALA A 302 -7.14 -28.01 23.93
CA ALA A 302 -8.27 -27.28 23.36
C ALA A 302 -8.31 -27.40 21.84
N TRP A 303 -7.14 -27.26 21.18
CA TRP A 303 -7.11 -27.41 19.74
C TRP A 303 -7.54 -28.82 19.30
N SER A 304 -6.92 -29.84 19.88
CA SER A 304 -7.23 -31.22 19.47
C SER A 304 -8.72 -31.54 19.74
N LYS A 305 -9.29 -31.00 20.84
CA LYS A 305 -10.70 -31.26 21.14
C LYS A 305 -11.63 -30.54 20.16
N PHE A 306 -11.35 -29.24 19.87
CA PHE A 306 -12.16 -28.49 18.92
C PHE A 306 -12.12 -29.14 17.54
N THR A 307 -10.92 -29.42 17.03
CA THR A 307 -10.73 -30.05 15.69
C THR A 307 -11.54 -31.36 15.52
N ALA A 308 -11.56 -32.15 16.58
CA ALA A 308 -12.30 -33.43 16.57
C ALA A 308 -13.80 -33.25 16.51
N ASN A 309 -14.26 -32.08 16.85
CA ASN A 309 -15.68 -31.84 17.02
C ASN A 309 -16.25 -30.89 15.97
N VAL A 310 -15.45 -30.57 14.92
CA VAL A 310 -15.98 -29.76 13.82
C VAL A 310 -15.63 -30.35 12.43
N GLY A 311 -16.36 -29.94 11.39
CA GLY A 311 -16.11 -30.46 10.03
C GLY A 311 -15.51 -29.36 9.17
N ILE A 312 -15.01 -28.30 9.82
CA ILE A 312 -14.42 -27.17 9.05
C ILE A 312 -12.90 -27.14 9.09
N GLN A 313 -12.34 -26.20 8.32
CA GLN A 313 -10.86 -26.07 8.32
C GLN A 313 -10.47 -25.34 9.61
N ILE A 314 -9.43 -25.83 10.26
CA ILE A 314 -8.89 -25.26 11.53
C ILE A 314 -7.42 -25.01 11.21
N VAL A 315 -7.03 -23.75 11.27
CA VAL A 315 -5.71 -23.34 10.76
C VAL A 315 -4.72 -23.02 11.88
N GLY A 316 -3.57 -23.70 11.90
CA GLY A 316 -2.43 -23.38 12.80
C GLY A 316 -1.66 -22.17 12.30
N ASP A 317 -1.44 -21.17 13.18
CA ASP A 317 -0.60 -20.02 12.79
C ASP A 317 0.44 -19.86 13.90
N ASP A 318 0.04 -19.28 15.03
CA ASP A 318 1.02 -19.13 16.13
C ASP A 318 1.24 -20.53 16.73
N LEU A 319 0.27 -21.45 16.54
CA LEU A 319 0.52 -22.81 16.99
C LEU A 319 1.73 -23.49 16.32
N THR A 320 1.85 -23.30 15.00
CA THR A 320 2.75 -24.07 14.18
C THR A 320 3.99 -23.27 13.69
N VAL A 321 3.84 -21.92 13.71
CA VAL A 321 4.91 -21.00 13.24
C VAL A 321 5.78 -21.48 12.07
N THR A 322 5.13 -22.07 11.05
CA THR A 322 5.78 -22.50 9.82
C THR A 322 7.03 -23.32 10.16
N ASN A 323 6.93 -24.14 11.21
CA ASN A 323 8.14 -24.78 11.80
C ASN A 323 7.94 -26.30 11.80
N PRO A 324 8.77 -27.03 11.05
CA PRO A 324 8.53 -28.48 10.92
C PRO A 324 8.40 -29.22 12.30
N LYS A 325 9.20 -28.82 13.29
CA LYS A 325 9.08 -29.44 14.62
C LYS A 325 7.71 -29.25 15.28
N ARG A 326 7.14 -28.05 15.20
CA ARG A 326 5.82 -27.82 15.76
C ARG A 326 4.74 -28.45 14.88
N ILE A 327 4.97 -28.52 13.56
CA ILE A 327 4.00 -29.11 12.66
C ILE A 327 3.94 -30.62 12.96
N GLU A 328 5.09 -31.23 13.14
CA GLU A 328 5.12 -32.70 13.45
C GLU A 328 4.23 -32.96 14.69
N ARG A 329 4.32 -32.13 15.74
CA ARG A 329 3.51 -32.33 16.95
C ARG A 329 2.00 -32.09 16.70
N ALA A 330 1.68 -31.05 15.91
CA ALA A 330 0.28 -30.78 15.60
C ALA A 330 -0.33 -31.94 14.76
N VAL A 331 0.46 -32.57 13.91
CA VAL A 331 -0.02 -33.66 13.05
C VAL A 331 -0.35 -34.83 13.98
N GLU A 332 0.58 -35.08 14.91
CA GLU A 332 0.51 -36.21 15.89
C GLU A 332 -0.68 -36.07 16.82
N GLU A 333 -0.92 -34.85 17.30
CA GLU A 333 -2.03 -34.60 18.19
C GLU A 333 -3.32 -34.24 17.50
N LYS A 334 -3.28 -34.23 16.13
CA LYS A 334 -4.39 -33.80 15.32
C LYS A 334 -4.90 -32.45 15.82
N ALA A 335 -3.98 -31.50 15.99
CA ALA A 335 -4.37 -30.21 16.57
C ALA A 335 -5.17 -29.36 15.62
N CYS A 336 -4.94 -29.53 14.32
CA CYS A 336 -5.58 -28.65 13.35
C CYS A 336 -5.39 -29.39 12.05
N ASN A 337 -5.90 -28.82 10.95
CA ASN A 337 -5.83 -29.54 9.69
C ASN A 337 -5.37 -28.64 8.53
N CYS A 338 -4.80 -27.48 8.86
CA CYS A 338 -4.28 -26.62 7.81
C CYS A 338 -3.14 -25.82 8.43
N LEU A 339 -2.12 -25.53 7.66
CA LEU A 339 -0.96 -24.73 8.08
C LEU A 339 -1.05 -23.36 7.44
N LEU A 340 -0.87 -22.32 8.27
CA LEU A 340 -0.68 -20.96 7.77
C LEU A 340 0.80 -20.87 7.43
N LEU A 341 1.13 -20.59 6.16
CA LEU A 341 2.53 -20.56 5.76
C LEU A 341 3.07 -19.09 5.71
N LYS A 342 3.98 -18.76 6.61
CA LYS A 342 4.60 -17.43 6.71
C LYS A 342 6.08 -17.58 6.60
N VAL A 343 6.64 -17.25 5.45
CA VAL A 343 8.14 -17.40 5.26
C VAL A 343 8.91 -16.76 6.40
N ASN A 344 8.43 -15.64 6.96
CA ASN A 344 9.25 -14.98 8.00
C ASN A 344 9.07 -15.60 9.44
N GLN A 345 8.14 -16.52 9.61
CA GLN A 345 8.06 -17.24 10.89
C GLN A 345 9.21 -18.19 11.04
N ILE A 346 9.75 -18.68 9.92
CA ILE A 346 10.78 -19.70 9.98
C ILE A 346 12.12 -19.15 9.41
N GLY A 347 12.07 -18.23 8.43
CA GLY A 347 13.21 -17.41 8.07
C GLY A 347 13.94 -17.80 6.80
N SER A 348 13.45 -18.76 6.06
CA SER A 348 14.03 -19.07 4.75
C SER A 348 13.01 -19.67 3.79
N VAL A 349 13.24 -19.49 2.51
CA VAL A 349 12.34 -20.03 1.47
C VAL A 349 12.38 -21.58 1.51
N THR A 350 13.56 -22.15 1.65
CA THR A 350 13.70 -23.62 1.69
C THR A 350 12.93 -24.21 2.87
N GLU A 351 13.10 -23.62 4.05
CA GLU A 351 12.36 -24.16 5.22
C GLU A 351 10.84 -24.01 5.07
N ALA A 352 10.40 -22.87 4.50
CA ALA A 352 9.00 -22.68 4.27
C ALA A 352 8.45 -23.73 3.27
N ILE A 353 9.21 -24.03 2.25
CA ILE A 353 8.78 -25.02 1.28
C ILE A 353 8.72 -26.38 1.95
N GLN A 354 9.72 -26.67 2.77
CA GLN A 354 9.71 -27.92 3.59
C GLN A 354 8.49 -28.04 4.49
N ALA A 355 8.14 -26.93 5.17
CA ALA A 355 6.98 -26.87 6.07
C ALA A 355 5.68 -27.15 5.25
N CYS A 356 5.52 -26.51 4.08
CA CYS A 356 4.38 -26.72 3.19
C CYS A 356 4.27 -28.21 2.79
N LYS A 357 5.37 -28.79 2.38
CA LYS A 357 5.31 -30.19 1.84
C LYS A 357 4.99 -31.16 2.99
N LEU A 358 5.57 -30.91 4.18
CA LEU A 358 5.23 -31.69 5.38
C LEU A 358 3.75 -31.61 5.70
N ALA A 359 3.15 -30.41 5.69
CA ALA A 359 1.69 -30.35 5.88
C ALA A 359 0.92 -31.13 4.77
N GLN A 360 1.27 -30.91 3.50
CA GLN A 360 0.51 -31.49 2.37
C GLN A 360 0.59 -33.01 2.42
N GLU A 361 1.74 -33.52 2.83
CA GLU A 361 1.94 -34.99 2.87
C GLU A 361 1.11 -35.63 3.98
N ASN A 362 0.76 -34.85 4.97
CA ASN A 362 -0.07 -35.33 6.07
C ASN A 362 -1.54 -35.00 5.89
N GLY A 363 -1.93 -34.64 4.67
CA GLY A 363 -3.27 -34.32 4.33
C GLY A 363 -3.85 -32.99 4.82
N TRP A 364 -3.01 -32.08 5.30
CA TRP A 364 -3.49 -30.76 5.69
C TRP A 364 -3.58 -29.81 4.51
N GLY A 365 -4.46 -28.82 4.62
CA GLY A 365 -4.44 -27.64 3.72
C GLY A 365 -3.29 -26.76 4.09
N VAL A 366 -2.96 -25.83 3.20
CA VAL A 366 -1.92 -24.85 3.53
C VAL A 366 -2.45 -23.54 2.99
N MET A 367 -2.48 -22.50 3.85
CA MET A 367 -2.92 -21.18 3.40
C MET A 367 -1.64 -20.28 3.50
N VAL A 368 -1.20 -19.77 2.34
CA VAL A 368 -0.03 -18.86 2.33
C VAL A 368 -0.56 -17.53 2.92
N SER A 369 0.33 -16.88 3.68
CA SER A 369 -0.10 -15.63 4.31
C SER A 369 0.92 -14.50 4.25
N HIS A 370 0.37 -13.29 4.14
CA HIS A 370 1.15 -12.09 4.48
C HIS A 370 1.42 -11.94 6.01
N ARG A 371 2.12 -10.86 6.38
CA ARG A 371 2.09 -10.35 7.79
C ARG A 371 1.34 -9.03 7.81
N SER A 372 0.94 -8.61 9.01
CA SER A 372 0.27 -7.32 9.10
C SER A 372 1.14 -6.13 8.75
N GLY A 373 2.47 -6.27 8.87
CA GLY A 373 3.40 -5.18 8.37
C GLY A 373 3.94 -5.74 7.05
N GLU A 374 3.43 -5.24 5.94
CA GLU A 374 3.82 -5.77 4.66
C GLU A 374 4.61 -4.73 3.88
N THR A 375 5.08 -5.13 2.74
CA THR A 375 5.74 -4.18 1.83
C THR A 375 5.13 -4.32 0.42
N GLU A 376 5.73 -3.56 -0.50
CA GLU A 376 5.35 -3.66 -1.94
C GLU A 376 5.88 -4.96 -2.59
N ASP A 377 6.59 -5.82 -1.83
CA ASP A 377 7.09 -7.11 -2.40
C ASP A 377 5.89 -8.05 -2.76
N THR A 378 5.95 -8.80 -3.84
CA THR A 378 4.82 -9.63 -4.19
C THR A 378 5.21 -11.10 -4.20
N PHE A 379 6.36 -11.42 -3.59
CA PHE A 379 6.83 -12.84 -3.59
C PHE A 379 5.71 -13.85 -3.24
N ILE A 380 4.88 -13.52 -2.24
CA ILE A 380 4.00 -14.62 -1.77
C ILE A 380 2.92 -14.95 -2.80
N ALA A 381 2.64 -14.01 -3.76
CA ALA A 381 1.72 -14.35 -4.92
C ALA A 381 2.29 -15.48 -5.76
N ASP A 382 3.60 -15.35 -6.11
CA ASP A 382 4.22 -16.43 -6.91
C ASP A 382 4.36 -17.69 -6.02
N LEU A 383 4.63 -17.55 -4.69
CA LEU A 383 4.82 -18.70 -3.82
C LEU A 383 3.54 -19.54 -3.74
N VAL A 384 2.38 -18.91 -3.60
CA VAL A 384 1.17 -19.73 -3.43
C VAL A 384 0.82 -20.48 -4.70
N VAL A 385 1.09 -19.90 -5.85
CA VAL A 385 0.77 -20.56 -7.11
C VAL A 385 1.81 -21.71 -7.28
N GLY A 386 3.08 -21.45 -7.04
CA GLY A 386 4.10 -22.54 -7.24
C GLY A 386 3.90 -23.66 -6.26
N LEU A 387 3.46 -23.38 -5.03
CA LEU A 387 3.19 -24.47 -4.03
C LEU A 387 1.83 -25.09 -4.15
N CYS A 388 1.03 -24.55 -5.07
CA CYS A 388 -0.26 -25.13 -5.45
C CYS A 388 -1.17 -25.30 -4.23
N THR A 389 -1.16 -24.36 -3.29
CA THR A 389 -1.83 -24.63 -2.01
C THR A 389 -3.35 -24.37 -2.11
N GLY A 390 -3.83 -23.54 -3.05
CA GLY A 390 -5.24 -23.31 -3.22
C GLY A 390 -5.84 -22.19 -2.37
N GLN A 391 -5.04 -21.60 -1.46
CA GLN A 391 -5.62 -20.53 -0.63
C GLN A 391 -4.54 -19.55 -0.16
N ILE A 392 -4.90 -18.28 -0.20
CA ILE A 392 -3.94 -17.28 0.31
C ILE A 392 -4.71 -16.20 1.06
N LYS A 393 -4.16 -15.71 2.16
CA LYS A 393 -4.69 -14.52 2.78
C LYS A 393 -3.64 -13.44 2.67
N THR A 394 -4.01 -12.32 2.05
CA THR A 394 -3.00 -11.23 1.96
C THR A 394 -3.66 -9.88 2.03
N GLY A 395 -4.77 -9.80 2.80
CA GLY A 395 -5.35 -8.49 3.11
C GLY A 395 -6.76 -8.26 2.59
N ALA A 396 -7.40 -7.18 3.05
CA ALA A 396 -8.60 -6.68 2.35
C ALA A 396 -8.18 -6.28 0.95
N PRO A 397 -9.14 -6.01 0.06
CA PRO A 397 -8.77 -5.44 -1.25
C PRO A 397 -8.57 -3.92 -1.11
N CYS A 398 -7.69 -3.54 -0.16
CA CYS A 398 -7.52 -2.11 0.18
C CYS A 398 -6.11 -2.01 0.79
N ARG A 399 -5.35 -0.95 0.43
CA ARG A 399 -3.92 -0.73 0.83
C ARG A 399 -3.07 -1.51 -0.12
N SER A 400 -2.20 -0.84 -0.88
CA SER A 400 -1.50 -1.58 -1.99
C SER A 400 -0.42 -2.54 -1.53
N GLU A 401 0.01 -2.55 -0.25
CA GLU A 401 0.79 -3.72 0.18
C GLU A 401 -0.02 -5.01 0.12
N ARG A 402 -1.37 -4.88 0.07
CA ARG A 402 -2.25 -6.06 -0.12
C ARG A 402 -2.55 -6.20 -1.59
N LEU A 403 -2.98 -5.12 -2.23
CA LEU A 403 -3.35 -5.26 -3.67
C LEU A 403 -2.15 -5.66 -4.52
N ALA A 404 -0.93 -5.29 -4.14
CA ALA A 404 0.20 -5.65 -4.99
C ALA A 404 0.22 -7.20 -5.19
N LYS A 405 -0.13 -7.94 -4.14
CA LYS A 405 -0.12 -9.43 -4.26
C LYS A 405 -1.32 -9.83 -5.13
N TYR A 406 -2.51 -9.31 -4.84
CA TYR A 406 -3.72 -9.71 -5.59
C TYR A 406 -3.56 -9.35 -7.06
N ASN A 407 -3.00 -8.18 -7.34
CA ASN A 407 -2.78 -7.80 -8.73
C ASN A 407 -1.78 -8.76 -9.39
N GLN A 408 -0.72 -9.18 -8.65
CA GLN A 408 0.27 -10.10 -9.24
C GLN A 408 -0.42 -11.46 -9.52
N LEU A 409 -1.32 -11.89 -8.60
CA LEU A 409 -2.08 -13.13 -8.87
C LEU A 409 -2.94 -12.97 -10.15
N MET A 410 -3.58 -11.83 -10.37
CA MET A 410 -4.28 -11.65 -11.66
C MET A 410 -3.33 -11.76 -12.86
N ARG A 411 -2.13 -11.20 -12.72
CA ARG A 411 -1.15 -11.26 -13.80
C ARG A 411 -0.68 -12.69 -14.05
N ILE A 412 -0.55 -13.46 -12.96
CA ILE A 412 -0.10 -14.86 -13.13
C ILE A 412 -1.23 -15.60 -13.86
N GLU A 413 -2.46 -15.38 -13.40
CA GLU A 413 -3.62 -16.11 -14.05
C GLU A 413 -3.62 -15.77 -15.54
N GLU A 414 -3.46 -14.48 -15.85
CA GLU A 414 -3.35 -14.06 -17.29
C GLU A 414 -2.21 -14.84 -18.01
N GLU A 415 -1.03 -14.91 -17.40
CA GLU A 415 0.13 -15.54 -18.01
C GLU A 415 -0.16 -17.02 -18.31
N LEU A 416 -0.88 -17.69 -17.42
CA LEU A 416 -1.12 -19.14 -17.56
C LEU A 416 -2.21 -19.47 -18.57
N GLY A 417 -3.08 -18.52 -18.83
CA GLY A 417 -4.02 -18.58 -19.96
C GLY A 417 -4.88 -19.78 -19.75
N ASP A 418 -5.18 -20.52 -20.85
CA ASP A 418 -6.07 -21.73 -20.76
C ASP A 418 -5.55 -22.82 -19.83
N GLU A 419 -4.29 -22.77 -19.44
CA GLU A 419 -3.75 -23.65 -18.42
C GLU A 419 -4.08 -23.15 -16.97
N ALA A 420 -4.70 -21.95 -16.84
CA ALA A 420 -5.03 -21.48 -15.45
C ALA A 420 -6.17 -22.40 -14.87
N ARG A 421 -6.03 -22.90 -13.63
CA ARG A 421 -7.17 -23.56 -12.91
C ARG A 421 -7.33 -22.90 -11.55
N PHE A 422 -8.55 -22.49 -11.28
CA PHE A 422 -8.82 -21.80 -10.03
C PHE A 422 -9.32 -22.80 -9.00
N ALA A 423 -8.81 -22.71 -7.76
CA ALA A 423 -9.10 -23.73 -6.72
C ALA A 423 -10.58 -23.83 -6.34
N GLY A 424 -11.32 -22.74 -6.44
CA GLY A 424 -12.76 -22.73 -6.10
C GLY A 424 -13.16 -23.46 -4.83
N HIS A 425 -14.16 -24.36 -4.94
CA HIS A 425 -14.53 -25.13 -3.74
C HIS A 425 -13.55 -26.17 -3.28
N ASN A 426 -12.47 -26.36 -4.05
CA ASN A 426 -11.37 -27.22 -3.68
C ASN A 426 -10.18 -26.45 -3.09
N PHE A 427 -10.51 -25.34 -2.46
CA PHE A 427 -9.44 -24.55 -1.83
C PHE A 427 -8.63 -25.34 -0.78
N ARG A 428 -9.26 -26.29 -0.02
CA ARG A 428 -8.56 -27.05 1.00
C ARG A 428 -7.68 -28.05 0.25
N ASN A 429 -8.13 -28.61 -0.88
CA ASN A 429 -7.30 -29.65 -1.52
C ASN A 429 -7.42 -29.64 -3.02
N PRO A 430 -6.64 -28.75 -3.67
CA PRO A 430 -6.81 -28.44 -5.06
C PRO A 430 -6.17 -29.48 -5.99
N SER A 431 -5.44 -30.41 -5.39
CA SER A 431 -4.84 -31.52 -6.14
C SER A 431 -5.85 -32.30 -7.03
N VAL A 432 -7.14 -32.32 -6.68
CA VAL A 432 -8.16 -33.07 -7.46
C VAL A 432 -8.52 -32.46 -8.77
N LEU A 433 -8.04 -31.24 -9.02
CA LEU A 433 -8.50 -30.51 -10.20
C LEU A 433 -7.68 -30.85 -11.47
N SER B 1 11.98 0.49 -31.52
CA SER B 1 10.52 0.73 -31.53
C SER B 1 9.77 -0.20 -30.55
N ILE B 2 8.47 0.02 -30.46
CA ILE B 2 7.64 -0.73 -29.52
C ILE B 2 7.24 -2.05 -30.15
N GLU B 3 7.45 -3.15 -29.42
CA GLU B 3 7.10 -4.50 -29.91
C GLU B 3 5.71 -4.90 -29.55
N LYS B 4 5.23 -4.55 -28.35
CA LYS B 4 3.91 -4.99 -27.95
C LYS B 4 3.45 -4.09 -26.81
N ILE B 5 2.16 -3.81 -26.77
CA ILE B 5 1.51 -3.07 -25.64
C ILE B 5 0.34 -3.87 -25.22
N TRP B 6 0.22 -4.16 -23.91
CA TRP B 6 -0.92 -4.89 -23.43
C TRP B 6 -1.41 -4.19 -22.15
N ALA B 7 -2.66 -3.73 -22.13
CA ALA B 7 -3.27 -3.17 -20.91
C ALA B 7 -4.20 -4.14 -20.20
N ARG B 8 -4.33 -3.93 -18.89
CA ARG B 8 -5.26 -4.73 -18.08
C ARG B 8 -5.87 -3.85 -16.97
N GLU B 9 -6.86 -4.37 -16.29
CA GLU B 9 -7.51 -3.71 -15.14
C GLU B 9 -6.83 -4.37 -13.88
N ILE B 10 -6.33 -3.58 -13.00
CA ILE B 10 -5.82 -4.05 -11.66
C ILE B 10 -6.62 -3.23 -10.64
N LEU B 11 -6.46 -3.51 -9.39
CA LEU B 11 -7.11 -2.72 -8.30
C LEU B 11 -6.15 -1.71 -7.74
N ASP B 12 -6.65 -0.49 -7.56
CA ASP B 12 -5.91 0.53 -6.81
C ASP B 12 -6.02 0.42 -5.33
N SER B 13 -5.42 1.39 -4.60
CA SER B 13 -5.32 1.27 -3.17
C SER B 13 -6.64 1.32 -2.35
N ARG B 14 -7.73 1.73 -3.00
CA ARG B 14 -9.07 1.77 -2.36
C ARG B 14 -9.93 0.63 -2.88
N GLY B 15 -9.37 -0.26 -3.70
CA GLY B 15 -10.14 -1.45 -4.22
C GLY B 15 -10.91 -1.09 -5.45
N ASN B 16 -10.60 0.00 -6.11
CA ASN B 16 -11.29 0.29 -7.38
C ASN B 16 -10.42 -0.04 -8.61
N PRO B 17 -11.02 -0.45 -9.70
CA PRO B 17 -10.25 -0.77 -10.88
C PRO B 17 -9.44 0.40 -11.42
N THR B 18 -8.24 0.12 -11.93
CA THR B 18 -7.55 1.16 -12.63
C THR B 18 -6.73 0.50 -13.78
N VAL B 19 -6.18 1.30 -14.66
CA VAL B 19 -5.43 0.85 -15.85
C VAL B 19 -3.96 0.56 -15.51
N GLU B 20 -3.48 -0.61 -15.94
CA GLU B 20 -2.06 -0.93 -15.94
C GLU B 20 -1.67 -1.29 -17.40
N VAL B 21 -0.49 -0.82 -17.82
CA VAL B 21 0.06 -1.11 -19.14
C VAL B 21 1.38 -1.82 -19.07
N ASP B 22 1.49 -2.90 -19.84
CA ASP B 22 2.79 -3.55 -20.08
C ASP B 22 3.23 -3.12 -21.46
N LEU B 23 4.44 -2.65 -21.53
CA LEU B 23 5.03 -2.28 -22.83
C LEU B 23 6.35 -3.05 -23.05
N TYR B 24 6.44 -3.70 -24.22
CA TYR B 24 7.65 -4.50 -24.50
C TYR B 24 8.55 -3.83 -25.56
N THR B 25 9.85 -3.76 -25.30
CA THR B 25 10.83 -3.44 -26.38
C THR B 25 11.91 -4.53 -26.36
N ALA B 26 12.94 -4.38 -27.19
CA ALA B 26 14.03 -5.30 -27.19
C ALA B 26 14.78 -5.26 -25.84
N LYS B 27 14.59 -4.21 -25.05
CA LYS B 27 15.20 -4.20 -23.71
C LYS B 27 14.35 -4.89 -22.64
N GLY B 28 13.14 -5.33 -22.98
CA GLY B 28 12.31 -6.07 -22.03
C GLY B 28 10.96 -5.44 -21.74
N LEU B 29 10.43 -5.69 -20.54
CA LEU B 29 9.04 -5.32 -20.18
C LEU B 29 9.04 -4.13 -19.27
N PHE B 30 8.17 -3.17 -19.55
CA PHE B 30 8.06 -1.94 -18.77
C PHE B 30 6.62 -1.79 -18.41
N ARG B 31 6.35 -1.58 -17.13
CA ARG B 31 4.98 -1.66 -16.67
C ARG B 31 4.68 -0.40 -15.84
N ALA B 32 3.48 0.14 -16.03
CA ALA B 32 3.03 1.32 -15.28
C ALA B 32 1.57 1.28 -14.99
N ALA B 33 1.15 1.99 -13.96
CA ALA B 33 -0.28 1.98 -13.62
C ALA B 33 -0.70 3.43 -13.31
N VAL B 34 -1.99 3.64 -13.37
CA VAL B 34 -2.61 4.98 -13.30
C VAL B 34 -3.35 5.23 -12.00
N PRO B 35 -3.11 6.40 -11.35
CA PRO B 35 -3.80 6.63 -10.05
C PRO B 35 -5.14 7.31 -10.34
N SER B 36 -5.89 7.51 -9.26
CA SER B 36 -7.25 8.11 -9.40
C SER B 36 -7.59 8.99 -8.22
N GLY B 37 -8.14 10.19 -8.50
CA GLY B 37 -8.53 11.03 -7.38
C GLY B 37 -9.93 10.81 -6.87
N ALA B 38 -10.20 11.39 -5.71
CA ALA B 38 -11.58 11.46 -5.11
C ALA B 38 -12.01 12.93 -5.12
N SER B 39 -11.15 13.86 -4.54
CA SER B 39 -11.53 15.30 -4.62
C SER B 39 -10.97 15.82 -5.97
N THR B 40 -11.66 15.49 -7.05
CA THR B 40 -11.16 15.87 -8.39
C THR B 40 -11.72 17.23 -8.83
N GLY B 41 -10.82 18.05 -9.36
CA GLY B 41 -11.24 19.38 -9.82
C GLY B 41 -12.07 19.26 -11.08
N ILE B 42 -12.97 20.21 -11.31
CA ILE B 42 -13.82 20.11 -12.48
C ILE B 42 -13.07 20.25 -13.82
N TYR B 43 -11.85 20.80 -13.80
CA TYR B 43 -11.08 21.06 -15.02
C TYR B 43 -10.10 19.91 -15.32
N GLU B 44 -10.11 18.86 -14.47
CA GLU B 44 -9.21 17.69 -14.76
C GLU B 44 -9.57 17.03 -16.09
N ALA B 45 -8.54 16.50 -16.77
CA ALA B 45 -8.77 15.60 -17.97
C ALA B 45 -9.64 14.39 -17.56
N LEU B 46 -10.45 13.86 -18.50
CA LEU B 46 -11.50 12.91 -18.11
C LEU B 46 -10.96 11.56 -17.76
N GLU B 47 -11.37 11.06 -16.60
CA GLU B 47 -11.05 9.70 -16.20
C GLU B 47 -12.23 8.87 -16.72
N LEU B 48 -11.95 7.97 -17.67
CA LEU B 48 -13.05 7.16 -18.27
C LEU B 48 -13.37 5.89 -17.45
N ARG B 49 -14.61 5.74 -16.98
CA ARG B 49 -15.02 4.61 -16.19
C ARG B 49 -16.17 3.99 -17.03
N ASP B 50 -16.44 2.71 -16.86
CA ASP B 50 -17.35 2.02 -17.76
C ASP B 50 -18.78 2.35 -17.48
N GLY B 51 -19.12 2.58 -16.22
CA GLY B 51 -20.48 2.98 -15.81
C GLY B 51 -21.44 1.80 -15.86
N ASP B 52 -20.94 0.58 -15.78
CA ASP B 52 -21.83 -0.57 -15.62
C ASP B 52 -22.13 -0.75 -14.15
N LYS B 53 -23.33 -0.35 -13.67
CA LYS B 53 -23.56 -0.18 -12.21
C LYS B 53 -23.54 -1.52 -11.53
N GLN B 54 -23.64 -2.59 -12.31
CA GLN B 54 -23.59 -3.91 -11.78
C GLN B 54 -22.17 -4.45 -11.55
N ARG B 55 -21.14 -3.83 -12.16
CA ARG B 55 -19.79 -4.42 -12.12
C ARG B 55 -18.85 -3.39 -11.50
N TYR B 56 -18.29 -3.72 -10.32
CA TYR B 56 -17.39 -2.74 -9.61
C TYR B 56 -18.13 -1.44 -9.38
N LEU B 57 -19.45 -1.54 -9.11
CA LEU B 57 -20.24 -0.33 -8.82
C LEU B 57 -20.10 0.79 -9.89
N GLY B 58 -19.98 0.40 -11.17
CA GLY B 58 -19.83 1.36 -12.24
C GLY B 58 -18.40 1.83 -12.55
N LYS B 59 -17.45 1.35 -11.73
CA LYS B 59 -16.08 1.91 -11.81
C LYS B 59 -15.09 1.03 -12.60
N GLY B 60 -15.57 0.02 -13.35
CA GLY B 60 -14.66 -0.70 -14.24
C GLY B 60 -13.89 0.19 -15.24
N VAL B 61 -12.71 -0.27 -15.70
CA VAL B 61 -12.02 0.49 -16.74
C VAL B 61 -11.81 -0.38 -17.94
N LEU B 62 -12.75 -1.30 -18.21
CA LEU B 62 -12.65 -2.09 -19.45
C LEU B 62 -12.64 -1.23 -20.72
N LYS B 63 -13.38 -0.11 -20.73
CA LYS B 63 -13.38 0.70 -21.93
C LYS B 63 -12.06 1.34 -22.22
N ALA B 64 -11.42 1.89 -21.12
CA ALA B 64 -10.10 2.44 -21.27
C ALA B 64 -9.09 1.40 -21.73
N VAL B 65 -9.15 0.21 -21.10
CA VAL B 65 -8.24 -0.87 -21.45
C VAL B 65 -8.44 -1.26 -22.91
N ASP B 66 -9.68 -1.30 -23.35
CA ASP B 66 -9.94 -1.63 -24.76
C ASP B 66 -9.42 -0.52 -25.72
N HIS B 67 -9.56 0.77 -25.35
CA HIS B 67 -8.99 1.78 -26.23
C HIS B 67 -7.48 1.56 -26.39
N ILE B 68 -6.80 1.14 -25.30
CA ILE B 68 -5.37 0.91 -25.41
C ILE B 68 -5.10 -0.29 -26.35
N ASN B 69 -5.77 -1.40 -26.07
CA ASN B 69 -5.37 -2.65 -26.71
C ASN B 69 -5.82 -2.68 -28.15
N SER B 70 -7.00 -2.11 -28.42
CA SER B 70 -7.56 -2.15 -29.81
C SER B 70 -7.14 -0.97 -30.70
N THR B 71 -6.80 0.17 -30.12
CA THR B 71 -6.60 1.38 -30.90
C THR B 71 -5.25 2.03 -30.69
N ILE B 72 -4.94 2.39 -29.45
CA ILE B 72 -3.68 3.10 -29.23
C ILE B 72 -2.46 2.19 -29.54
N ALA B 73 -2.47 0.97 -28.98
CA ALA B 73 -1.28 0.10 -29.18
C ALA B 73 -0.90 -0.14 -30.66
N PRO B 74 -1.90 -0.53 -31.51
CA PRO B 74 -1.44 -0.79 -32.90
C PRO B 74 -0.94 0.49 -33.61
N ALA B 75 -1.53 1.63 -33.28
CA ALA B 75 -1.12 2.87 -33.90
C ALA B 75 0.30 3.24 -33.50
N LEU B 76 0.62 3.12 -32.19
CA LEU B 76 1.98 3.47 -31.78
C LEU B 76 3.02 2.47 -32.32
N ILE B 77 2.69 1.19 -32.33
CA ILE B 77 3.61 0.21 -32.91
C ILE B 77 3.85 0.48 -34.43
N SER B 78 2.77 0.84 -35.14
CA SER B 78 2.82 1.18 -36.60
C SER B 78 3.72 2.33 -36.89
N SER B 79 3.75 3.27 -35.96
CA SER B 79 4.61 4.41 -36.11
C SER B 79 6.11 4.09 -36.25
N GLY B 80 6.56 2.97 -35.68
CA GLY B 80 8.01 2.75 -35.59
C GLY B 80 8.80 3.74 -34.71
N LEU B 81 8.13 4.65 -33.97
CA LEU B 81 8.88 5.60 -33.15
C LEU B 81 9.64 4.88 -32.02
N SER B 82 10.89 5.27 -31.78
CA SER B 82 11.69 4.84 -30.62
C SER B 82 10.98 5.35 -29.36
N VAL B 83 11.02 4.55 -28.30
CA VAL B 83 10.39 4.91 -27.02
C VAL B 83 11.15 6.06 -26.41
N VAL B 84 12.33 6.42 -26.94
CA VAL B 84 12.92 7.69 -26.42
C VAL B 84 12.12 8.95 -26.88
N GLU B 85 11.26 8.79 -27.90
CA GLU B 85 10.59 9.96 -28.51
C GLU B 85 9.29 10.26 -27.73
N GLN B 86 9.45 10.65 -26.48
CA GLN B 86 8.27 10.81 -25.60
C GLN B 86 7.26 11.74 -26.20
N GLU B 87 7.72 12.90 -26.60
CA GLU B 87 6.84 13.95 -27.14
C GLU B 87 6.12 13.49 -28.43
N LYS B 88 6.84 12.87 -29.35
CA LYS B 88 6.09 12.40 -30.58
C LYS B 88 5.08 11.30 -30.32
N LEU B 89 5.43 10.38 -29.43
CA LEU B 89 4.52 9.31 -29.06
C LEU B 89 3.30 9.91 -28.30
N ASP B 90 3.53 10.79 -27.33
CA ASP B 90 2.40 11.41 -26.65
C ASP B 90 1.52 12.21 -27.64
N ASN B 91 2.14 12.99 -28.54
CA ASN B 91 1.35 13.75 -29.53
C ASN B 91 0.49 12.85 -30.39
N LEU B 92 1.05 11.69 -30.81
CA LEU B 92 0.23 10.74 -31.53
C LEU B 92 -1.02 10.30 -30.78
N MET B 93 -0.89 9.92 -29.48
CA MET B 93 -2.06 9.59 -28.72
C MET B 93 -3.04 10.75 -28.63
N LEU B 94 -2.51 11.97 -28.42
CA LEU B 94 -3.39 13.13 -28.22
C LEU B 94 -4.21 13.41 -29.52
N GLU B 95 -3.54 13.30 -30.65
CA GLU B 95 -4.21 13.44 -31.94
C GLU B 95 -5.24 12.37 -32.28
N LEU B 96 -4.97 11.13 -31.88
CA LEU B 96 -5.95 10.04 -32.09
C LEU B 96 -7.16 10.19 -31.22
N ASP B 97 -6.98 10.70 -29.99
CA ASP B 97 -8.10 10.96 -29.16
C ASP B 97 -8.94 12.13 -29.73
N GLY B 98 -8.21 13.18 -30.07
CA GLY B 98 -8.74 14.37 -30.78
C GLY B 98 -9.55 15.36 -29.95
N THR B 99 -9.79 15.05 -28.65
CA THR B 99 -10.62 15.92 -27.76
C THR B 99 -9.76 16.75 -26.81
N GLU B 100 -10.28 17.86 -26.32
CA GLU B 100 -9.44 18.77 -25.52
C GLU B 100 -9.11 18.08 -24.18
N ASN B 101 -10.10 17.33 -23.67
CA ASN B 101 -10.03 16.80 -22.29
C ASN B 101 -9.79 15.30 -22.26
N LYS B 102 -9.38 14.73 -23.40
CA LYS B 102 -9.08 13.27 -23.50
C LYS B 102 -10.30 12.42 -23.19
N SER B 103 -11.48 12.87 -23.64
CA SER B 103 -12.70 12.17 -23.23
C SER B 103 -13.06 11.05 -24.22
N LYS B 104 -12.33 10.88 -25.29
CA LYS B 104 -12.64 9.71 -26.08
C LYS B 104 -11.98 8.43 -25.59
N PHE B 105 -10.66 8.48 -25.39
CA PHE B 105 -9.99 7.30 -24.83
C PHE B 105 -9.97 7.30 -23.31
N GLY B 106 -10.02 8.48 -22.72
CA GLY B 106 -9.82 8.60 -21.28
C GLY B 106 -8.39 9.03 -21.05
N ALA B 107 -8.23 9.96 -20.14
CA ALA B 107 -6.88 10.39 -19.72
C ALA B 107 -6.16 9.18 -19.09
N ASN B 108 -6.96 8.28 -18.50
CA ASN B 108 -6.40 7.04 -17.85
C ASN B 108 -5.81 6.09 -18.87
N ALA B 109 -6.41 6.04 -20.07
CA ALA B 109 -5.84 5.20 -21.13
C ALA B 109 -4.54 5.83 -21.61
N ILE B 110 -4.60 7.11 -21.98
CA ILE B 110 -3.43 7.72 -22.57
C ILE B 110 -2.27 7.74 -21.56
N LEU B 111 -2.55 8.10 -20.32
CA LEU B 111 -1.44 8.24 -19.36
C LEU B 111 -0.74 6.87 -19.10
N GLY B 112 -1.55 5.82 -19.01
CA GLY B 112 -0.99 4.47 -18.75
C GLY B 112 0.13 4.16 -19.80
N VAL B 113 -0.17 4.44 -21.06
CA VAL B 113 0.80 4.21 -22.09
C VAL B 113 1.96 5.20 -21.98
N SER B 114 1.65 6.47 -21.77
CA SER B 114 2.68 7.53 -21.68
C SER B 114 3.75 7.14 -20.62
N LEU B 115 3.29 6.67 -19.44
CA LEU B 115 4.23 6.34 -18.35
C LEU B 115 5.09 5.14 -18.77
N ALA B 116 4.46 4.13 -19.35
CA ALA B 116 5.19 2.90 -19.78
C ALA B 116 6.25 3.24 -20.88
N VAL B 117 5.87 4.10 -21.81
CA VAL B 117 6.82 4.63 -22.81
C VAL B 117 8.05 5.29 -22.15
N CYS B 118 7.78 6.14 -21.14
CA CYS B 118 8.85 6.84 -20.48
C CYS B 118 9.83 5.86 -19.81
N LYS B 119 9.29 4.85 -19.13
CA LYS B 119 10.19 3.82 -18.48
C LYS B 119 11.04 3.07 -19.51
N ALA B 120 10.40 2.69 -20.64
CA ALA B 120 11.11 1.99 -21.67
C ALA B 120 12.14 2.93 -22.29
N GLY B 121 11.77 4.22 -22.43
CA GLY B 121 12.75 5.17 -22.99
C GLY B 121 14.01 5.31 -22.12
N ALA B 122 13.85 5.24 -20.79
CA ALA B 122 15.00 5.36 -19.92
C ALA B 122 15.93 4.18 -20.20
N ALA B 123 15.33 2.98 -20.37
CA ALA B 123 16.11 1.74 -20.56
C ALA B 123 16.81 1.84 -21.93
N GLU B 124 16.13 2.44 -22.91
CA GLU B 124 16.73 2.59 -24.27
C GLU B 124 17.97 3.48 -24.18
N ARG B 125 17.92 4.47 -23.31
CA ARG B 125 18.98 5.43 -23.10
C ARG B 125 20.05 4.92 -22.14
N GLU B 126 19.83 3.73 -21.57
CA GLU B 126 20.70 3.17 -20.51
C GLU B 126 20.84 4.13 -19.36
N LEU B 127 19.67 4.67 -18.93
CA LEU B 127 19.64 5.59 -17.82
C LEU B 127 18.65 5.16 -16.81
N PRO B 128 18.89 5.48 -15.53
CA PRO B 128 17.77 5.29 -14.56
C PRO B 128 16.65 6.27 -14.94
N LEU B 129 15.43 5.90 -14.61
CA LEU B 129 14.24 6.73 -15.00
C LEU B 129 14.40 8.21 -14.57
N TYR B 130 14.91 8.52 -13.34
CA TYR B 130 15.00 9.91 -12.89
C TYR B 130 15.94 10.73 -13.79
N ARG B 131 17.01 10.12 -14.29
CA ARG B 131 17.94 10.82 -15.19
C ARG B 131 17.30 11.02 -16.59
N HIS B 132 16.56 10.06 -17.06
CA HIS B 132 15.90 10.19 -18.38
C HIS B 132 14.88 11.32 -18.28
N ILE B 133 14.13 11.36 -17.18
CA ILE B 133 13.16 12.45 -16.97
C ILE B 133 13.87 13.83 -16.95
N ALA B 134 14.98 13.90 -16.22
CA ALA B 134 15.77 15.14 -16.18
C ALA B 134 16.18 15.54 -17.61
N GLN B 135 16.65 14.58 -18.42
CA GLN B 135 17.02 14.91 -19.83
C GLN B 135 15.80 15.40 -20.64
N LEU B 136 14.63 14.80 -20.45
CA LEU B 136 13.37 15.17 -21.15
C LEU B 136 13.01 16.62 -20.83
N ALA B 137 13.31 17.03 -19.58
CA ALA B 137 12.94 18.32 -19.02
C ALA B 137 14.03 19.35 -19.27
N GLY B 138 15.19 18.91 -19.73
CA GLY B 138 16.35 19.86 -19.89
C GLY B 138 17.09 20.19 -18.59
N ASN B 139 17.04 19.30 -17.60
CA ASN B 139 17.72 19.54 -16.29
C ASN B 139 18.98 18.75 -16.20
N SER B 140 19.99 19.33 -15.62
CA SER B 140 21.20 18.50 -15.46
C SER B 140 21.56 18.44 -14.02
N ASP B 141 20.69 18.97 -13.16
CA ASP B 141 20.91 18.79 -11.73
C ASP B 141 19.81 17.79 -11.29
N LEU B 142 19.96 17.23 -10.09
CA LEU B 142 18.97 16.32 -9.51
C LEU B 142 18.95 16.71 -8.04
N ILE B 143 17.78 16.73 -7.45
CA ILE B 143 17.64 17.15 -6.10
C ILE B 143 16.67 16.20 -5.43
N LEU B 144 16.98 15.74 -4.23
CA LEU B 144 15.97 14.98 -3.45
C LEU B 144 14.98 15.97 -2.78
N PRO B 145 13.69 15.72 -2.90
CA PRO B 145 12.70 16.64 -2.38
C PRO B 145 12.46 16.54 -0.89
N VAL B 146 11.95 17.61 -0.27
CA VAL B 146 11.34 17.43 1.06
C VAL B 146 10.00 16.69 0.90
N PRO B 147 9.77 15.61 1.65
CA PRO B 147 8.45 14.95 1.61
C PRO B 147 7.43 15.68 2.48
N ALA B 148 6.18 15.76 2.05
CA ALA B 148 5.12 16.37 2.83
C ALA B 148 4.16 15.21 3.14
N PHE B 149 4.10 14.84 4.38
CA PHE B 149 3.30 13.65 4.82
C PHE B 149 1.96 14.00 5.37
N ASN B 150 0.90 13.48 4.74
CA ASN B 150 -0.45 13.72 5.19
C ASN B 150 -0.77 13.00 6.46
N VAL B 151 -0.85 13.68 7.59
CA VAL B 151 -1.10 12.94 8.87
C VAL B 151 -2.47 13.03 9.58
N ILE B 152 -3.22 14.09 9.32
CA ILE B 152 -4.61 14.25 9.80
C ILE B 152 -5.48 14.62 8.62
N ASN B 153 -6.64 13.95 8.49
CA ASN B 153 -7.54 14.34 7.39
C ASN B 153 -8.95 14.66 7.70
N GLY B 154 -9.54 15.42 6.79
CA GLY B 154 -10.87 15.88 6.92
C GLY B 154 -11.39 15.89 5.47
N GLY B 155 -12.33 16.73 5.21
CA GLY B 155 -12.70 16.88 3.80
C GLY B 155 -13.90 16.07 3.46
N SER B 156 -14.16 16.03 2.14
CA SER B 156 -15.44 15.55 1.57
C SER B 156 -15.61 14.02 1.67
N HIS B 157 -14.49 13.29 1.83
CA HIS B 157 -14.56 11.84 1.91
C HIS B 157 -14.19 11.26 3.27
N ALA B 158 -14.17 12.08 4.32
CA ALA B 158 -13.85 11.67 5.70
C ALA B 158 -15.13 11.91 6.56
N GLY B 159 -15.30 11.09 7.58
CA GLY B 159 -16.53 11.04 8.39
C GLY B 159 -16.61 11.97 9.60
N ASN B 160 -15.51 12.75 9.81
CA ASN B 160 -15.50 13.80 10.85
C ASN B 160 -16.11 15.06 10.32
N LYS B 161 -16.33 16.08 11.19
CA LYS B 161 -16.91 17.28 10.76
C LYS B 161 -15.82 18.20 10.11
N LEU B 162 -14.54 17.92 10.41
CA LEU B 162 -13.35 18.68 9.95
C LEU B 162 -13.42 18.94 8.40
N ALA B 163 -13.54 20.24 8.04
CA ALA B 163 -13.83 20.64 6.61
C ALA B 163 -12.53 20.53 5.75
N MET B 164 -11.38 20.87 6.33
CA MET B 164 -10.15 20.94 5.50
C MET B 164 -9.54 19.56 5.25
N GLN B 165 -9.04 19.34 4.04
CA GLN B 165 -8.70 17.98 3.60
C GLN B 165 -7.47 17.36 4.26
N GLU B 166 -6.34 18.07 4.27
CA GLU B 166 -5.12 17.39 4.68
C GLU B 166 -4.26 18.34 5.52
N PHE B 167 -3.70 17.78 6.57
CA PHE B 167 -2.67 18.48 7.42
C PHE B 167 -1.41 17.67 7.32
N MET B 168 -0.31 18.26 6.79
CA MET B 168 0.92 17.55 6.43
C MET B 168 2.08 18.04 7.25
N ILE B 169 3.07 17.17 7.45
CA ILE B 169 4.31 17.63 8.09
C ILE B 169 5.42 17.54 7.06
N LEU B 170 6.34 18.51 7.10
CA LEU B 170 7.46 18.58 6.16
C LEU B 170 8.77 18.67 6.92
N PRO B 171 9.60 17.63 6.85
CA PRO B 171 10.88 17.67 7.63
C PRO B 171 11.97 18.46 6.90
N VAL B 172 11.77 19.79 6.87
CA VAL B 172 12.69 20.64 6.12
C VAL B 172 14.06 20.67 6.81
N GLY B 173 14.12 20.36 8.10
CA GLY B 173 15.43 20.44 8.85
C GLY B 173 16.17 19.12 8.84
N ALA B 174 15.65 18.13 8.11
CA ALA B 174 16.36 16.83 8.05
C ALA B 174 17.74 16.90 7.38
N GLU B 175 18.62 15.94 7.69
CA GLU B 175 19.93 15.92 7.07
C GLU B 175 19.99 15.39 5.66
N SER B 176 18.96 14.62 5.26
CA SER B 176 19.03 13.88 4.00
C SER B 176 17.54 13.47 3.76
N PHE B 177 17.28 12.86 2.59
CA PHE B 177 15.96 12.28 2.34
C PHE B 177 15.73 11.10 3.29
N ARG B 178 16.73 10.22 3.42
CA ARG B 178 16.55 9.12 4.43
C ARG B 178 16.32 9.57 5.84
N ASP B 179 16.94 10.69 6.24
CA ASP B 179 16.67 11.21 7.53
C ASP B 179 15.26 11.87 7.62
N ALA B 180 14.83 12.50 6.51
CA ALA B 180 13.44 12.99 6.47
C ALA B 180 12.40 11.92 6.69
N MET B 181 12.69 10.73 6.10
CA MET B 181 11.78 9.60 6.36
C MET B 181 11.71 9.20 7.82
N ARG B 182 12.87 9.20 8.50
CA ARG B 182 12.89 8.86 9.90
C ARG B 182 12.10 9.92 10.73
N LEU B 183 12.33 11.22 10.44
CA LEU B 183 11.60 12.28 11.17
C LEU B 183 10.10 12.12 10.94
N GLY B 184 9.69 11.84 9.67
CA GLY B 184 8.27 11.77 9.33
C GLY B 184 7.64 10.56 10.07
N ALA B 185 8.31 9.41 10.03
CA ALA B 185 7.80 8.22 10.68
C ALA B 185 7.73 8.39 12.20
N GLU B 186 8.78 8.93 12.83
CA GLU B 186 8.73 9.12 14.27
C GLU B 186 7.61 10.07 14.71
N VAL B 187 7.43 11.20 13.99
CA VAL B 187 6.34 12.10 14.34
C VAL B 187 4.97 11.42 14.09
N TYR B 188 4.82 10.64 12.99
CA TYR B 188 3.54 9.99 12.71
C TYR B 188 3.21 9.01 13.90
N HIS B 189 4.18 8.19 14.28
CA HIS B 189 3.95 7.24 15.42
C HIS B 189 3.65 8.02 16.72
N THR B 190 4.34 9.14 16.91
CA THR B 190 4.06 9.99 18.11
C THR B 190 2.67 10.54 18.07
N LEU B 191 2.23 10.96 16.87
CA LEU B 191 0.87 11.51 16.75
C LEU B 191 -0.19 10.47 17.03
N LYS B 192 0.02 9.21 16.59
CA LYS B 192 -0.92 8.15 16.90
C LYS B 192 -1.15 8.07 18.41
N GLY B 193 -0.06 8.15 19.16
CA GLY B 193 -0.17 8.06 20.63
C GLY B 193 -0.89 9.31 21.19
N VAL B 194 -0.63 10.49 20.62
CA VAL B 194 -1.27 11.75 21.12
C VAL B 194 -2.77 11.68 20.85
N ILE B 195 -3.12 11.12 19.68
CA ILE B 195 -4.54 10.96 19.37
C ILE B 195 -5.15 9.87 20.28
N LYS B 196 -4.44 8.77 20.48
CA LYS B 196 -4.99 7.71 21.31
C LYS B 196 -5.24 8.30 22.74
N ASP B 197 -4.33 9.11 23.25
CA ASP B 197 -4.43 9.60 24.64
C ASP B 197 -5.60 10.56 24.78
N LYS B 198 -5.84 11.35 23.75
CA LYS B 198 -6.87 12.34 23.81
C LYS B 198 -8.24 11.87 23.37
N TYR B 199 -8.28 11.06 22.31
CA TYR B 199 -9.55 10.70 21.65
C TYR B 199 -9.92 9.24 21.80
N GLY B 200 -9.00 8.42 22.26
CA GLY B 200 -9.27 6.99 22.46
C GLY B 200 -8.64 6.20 21.32
N LYS B 201 -8.38 4.93 21.60
CA LYS B 201 -7.88 3.96 20.56
C LYS B 201 -8.75 3.99 19.31
N ASP B 202 -10.06 4.03 19.52
CA ASP B 202 -11.00 4.03 18.43
C ASP B 202 -10.77 5.10 17.40
N ALA B 203 -9.94 6.15 17.67
CA ALA B 203 -9.73 7.32 16.77
C ALA B 203 -8.43 7.13 15.94
N THR B 204 -7.81 5.95 16.06
CA THR B 204 -6.49 5.80 15.46
C THR B 204 -6.42 4.87 14.26
N ASN B 205 -7.53 4.58 13.66
CA ASN B 205 -7.50 3.84 12.36
C ASN B 205 -7.16 4.85 11.27
N VAL B 206 -6.93 4.41 10.03
CA VAL B 206 -6.41 5.32 9.04
C VAL B 206 -7.33 5.49 7.84
N GLY B 207 -7.19 6.65 7.21
CA GLY B 207 -7.91 7.02 5.97
C GLY B 207 -7.18 6.55 4.69
N ASP B 208 -7.67 7.07 3.56
CA ASP B 208 -7.24 6.58 2.24
C ASP B 208 -5.75 6.84 2.06
N GLU B 209 -5.22 7.90 2.69
CA GLU B 209 -3.82 8.21 2.46
C GLU B 209 -2.94 7.86 3.64
N GLY B 210 -3.45 7.13 4.65
CA GLY B 210 -2.63 6.63 5.70
C GLY B 210 -2.66 7.51 6.93
N GLY B 211 -3.26 8.71 6.84
CA GLY B 211 -3.37 9.62 8.01
C GLY B 211 -4.56 9.28 8.97
N PHE B 212 -4.65 9.99 10.12
CA PHE B 212 -5.75 9.78 11.05
C PHE B 212 -6.94 10.74 10.86
N ALA B 213 -8.15 10.31 11.21
CA ALA B 213 -9.32 11.25 11.20
C ALA B 213 -10.07 11.32 12.51
N PRO B 214 -9.45 11.87 13.54
CA PRO B 214 -10.23 11.98 14.73
C PRO B 214 -11.51 12.77 14.53
N ASN B 215 -12.48 12.58 15.42
CA ASN B 215 -13.74 13.34 15.28
C ASN B 215 -13.68 14.71 15.83
N ILE B 216 -13.13 15.63 15.04
CA ILE B 216 -13.01 17.03 15.43
C ILE B 216 -13.67 17.92 14.38
N LEU B 217 -14.08 19.13 14.73
CA LEU B 217 -14.70 19.99 13.72
C LEU B 217 -13.69 21.11 13.39
N GLU B 218 -12.98 21.56 14.42
CA GLU B 218 -12.15 22.78 14.35
C GLU B 218 -10.85 22.49 13.62
N ASN B 219 -10.58 23.23 12.55
CA ASN B 219 -9.33 23.01 11.87
C ASN B 219 -8.12 23.36 12.73
N SER B 220 -8.30 24.32 13.63
CA SER B 220 -7.24 24.68 14.57
C SER B 220 -6.90 23.49 15.49
N GLU B 221 -7.84 22.65 15.82
CA GLU B 221 -7.53 21.44 16.62
C GLU B 221 -6.64 20.42 15.86
N ALA B 222 -6.87 20.26 14.53
CA ALA B 222 -5.92 19.49 13.74
C ALA B 222 -4.50 20.02 13.83
N LEU B 223 -4.37 21.32 13.66
CA LEU B 223 -3.07 21.97 13.73
C LEU B 223 -2.43 21.77 15.13
N GLU B 224 -3.26 21.93 16.16
CA GLU B 224 -2.76 21.74 17.51
C GLU B 224 -2.22 20.30 17.73
N LEU B 225 -2.98 19.30 17.26
CA LEU B 225 -2.48 17.90 17.39
C LEU B 225 -1.19 17.67 16.68
N VAL B 226 -1.09 18.16 15.44
CA VAL B 226 0.16 18.02 14.70
C VAL B 226 1.34 18.73 15.39
N LYS B 227 1.13 19.97 15.79
CA LYS B 227 2.15 20.71 16.51
C LYS B 227 2.55 19.95 17.82
N GLU B 228 1.61 19.38 18.57
CA GLU B 228 1.90 18.60 19.82
C GLU B 228 2.79 17.38 19.44
N ALA B 229 2.44 16.71 18.33
CA ALA B 229 3.24 15.57 17.96
C ALA B 229 4.68 15.93 17.56
N ILE B 230 4.85 17.00 16.78
CA ILE B 230 6.16 17.42 16.36
C ILE B 230 6.99 17.70 17.63
N ASP B 231 6.34 18.40 18.54
CA ASP B 231 7.05 18.82 19.79
C ASP B 231 7.45 17.62 20.66
N LYS B 232 6.48 16.71 20.87
CA LYS B 232 6.67 15.50 21.67
C LYS B 232 7.76 14.58 21.06
N ALA B 233 7.87 14.56 19.75
CA ALA B 233 8.91 13.78 19.04
C ALA B 233 10.29 14.40 19.12
N GLY B 234 10.36 15.65 19.57
CA GLY B 234 11.62 16.40 19.66
C GLY B 234 12.06 17.17 18.45
N TYR B 235 11.15 17.47 17.51
CA TYR B 235 11.58 17.96 16.22
C TYR B 235 11.00 19.34 15.92
N THR B 236 10.62 20.08 16.97
CA THR B 236 10.11 21.46 16.74
C THR B 236 11.01 22.32 15.83
N GLU B 237 12.34 22.26 15.94
CA GLU B 237 13.24 22.97 15.05
C GLU B 237 13.37 22.49 13.62
N LYS B 238 12.75 21.35 13.26
CA LYS B 238 13.11 20.71 11.99
C LYS B 238 11.91 20.37 11.15
N ILE B 239 10.69 20.54 11.69
CA ILE B 239 9.48 20.13 10.92
C ILE B 239 8.50 21.24 10.88
N VAL B 240 8.00 21.54 9.68
CA VAL B 240 6.99 22.56 9.55
C VAL B 240 5.69 21.90 8.98
N ILE B 241 4.62 22.68 8.84
CA ILE B 241 3.29 22.13 8.46
C ILE B 241 2.86 22.67 7.12
N GLY B 242 2.20 21.81 6.34
CA GLY B 242 1.54 22.28 5.10
C GLY B 242 0.09 21.86 5.19
N MET B 243 -0.78 22.54 4.44
CA MET B 243 -2.19 22.17 4.48
C MET B 243 -2.69 22.00 3.04
N ASP B 244 -3.65 21.05 2.82
CA ASP B 244 -4.41 21.09 1.57
C ASP B 244 -5.86 21.29 2.00
N VAL B 245 -6.38 22.49 1.77
CA VAL B 245 -7.69 22.81 2.25
C VAL B 245 -8.73 22.11 1.32
N ALA B 246 -8.39 22.05 0.02
CA ALA B 246 -9.33 21.56 -1.04
C ALA B 246 -10.66 22.33 -0.91
N ALA B 247 -10.58 23.67 -1.00
CA ALA B 247 -11.73 24.56 -0.67
C ALA B 247 -12.87 24.36 -1.73
N SER B 248 -12.55 23.82 -2.92
CA SER B 248 -13.62 23.63 -3.96
C SER B 248 -14.65 22.64 -3.46
N GLU B 249 -14.26 21.78 -2.55
CA GLU B 249 -15.20 20.78 -1.94
C GLU B 249 -16.23 21.42 -0.99
N PHE B 250 -16.00 22.62 -0.49
CA PHE B 250 -16.92 23.23 0.47
C PHE B 250 -17.41 24.63 0.04
N TYR B 251 -17.16 24.95 -1.22
CA TYR B 251 -17.66 26.22 -1.75
C TYR B 251 -19.19 26.06 -1.94
N ARG B 252 -19.98 27.03 -1.49
CA ARG B 252 -21.49 26.98 -1.53
C ARG B 252 -22.00 28.33 -1.83
N ASP B 253 -22.68 28.53 -3.01
CA ASP B 253 -23.35 29.81 -3.25
C ASP B 253 -22.46 31.02 -3.10
N GLY B 254 -21.20 30.89 -3.51
CA GLY B 254 -20.30 32.06 -3.50
C GLY B 254 -19.58 32.27 -2.16
N LYS B 255 -19.86 31.38 -1.18
CA LYS B 255 -19.29 31.45 0.17
C LYS B 255 -18.66 30.10 0.46
N TYR B 256 -18.27 29.90 1.72
CA TYR B 256 -17.58 28.68 2.11
C TYR B 256 -18.20 28.15 3.41
N ASP B 257 -18.31 26.86 3.41
CA ASP B 257 -18.95 26.15 4.53
C ASP B 257 -18.00 25.18 5.27
N LEU B 258 -17.50 25.67 6.39
CA LEU B 258 -16.54 24.89 7.21
C LEU B 258 -17.26 23.91 8.14
N ASP B 259 -18.60 23.82 8.05
CA ASP B 259 -19.30 22.67 8.68
C ASP B 259 -20.21 22.02 7.63
N PHE B 260 -19.62 21.85 6.42
CA PHE B 260 -20.43 21.38 5.27
C PHE B 260 -20.96 20.00 5.41
N LYS B 261 -20.47 19.27 6.43
CA LYS B 261 -20.93 17.85 6.62
C LYS B 261 -22.01 17.74 7.66
N SER B 262 -22.40 18.88 8.25
CA SER B 262 -23.60 18.96 9.05
C SER B 262 -24.75 19.44 8.11
N PRO B 263 -26.02 19.15 8.46
CA PRO B 263 -27.10 19.59 7.53
C PRO B 263 -27.07 21.11 7.18
N THR B 264 -27.39 21.44 5.92
CA THR B 264 -27.18 22.77 5.35
C THR B 264 -27.78 23.87 6.20
N ASP B 265 -26.99 24.88 6.47
CA ASP B 265 -27.48 26.08 7.15
C ASP B 265 -26.57 27.28 6.72
N PRO B 266 -27.03 28.00 5.71
CA PRO B 266 -26.31 29.07 5.07
C PRO B 266 -25.93 30.17 6.04
N SER B 267 -26.55 30.15 7.23
CA SER B 267 -26.27 31.20 8.18
C SER B 267 -24.86 31.06 8.75
N ARG B 268 -24.32 29.86 8.69
CA ARG B 268 -22.90 29.64 9.11
C ARG B 268 -21.86 29.84 7.99
N TYR B 269 -22.29 30.12 6.75
CA TYR B 269 -21.29 30.27 5.68
C TYR B 269 -20.47 31.47 5.90
N ILE B 270 -19.16 31.38 5.52
CA ILE B 270 -18.27 32.52 5.67
C ILE B 270 -17.83 33.00 4.30
N THR B 271 -17.48 34.28 4.21
CA THR B 271 -16.96 34.79 2.97
C THR B 271 -15.53 34.27 2.72
N GLY B 272 -15.07 34.44 1.49
CA GLY B 272 -13.66 34.16 1.22
C GLY B 272 -12.74 35.03 2.09
N ASP B 273 -13.17 36.26 2.41
CA ASP B 273 -12.38 37.18 3.23
C ASP B 273 -12.24 36.64 4.64
N GLN B 274 -13.32 36.09 5.14
CA GLN B 274 -13.37 35.48 6.49
C GLN B 274 -12.44 34.22 6.51
N LEU B 275 -12.49 33.42 5.45
CA LEU B 275 -11.69 32.22 5.34
C LEU B 275 -10.22 32.66 5.26
N GLY B 276 -9.88 33.66 4.42
CA GLY B 276 -8.48 34.18 4.38
C GLY B 276 -7.98 34.66 5.74
N ALA B 277 -8.86 35.29 6.52
CA ALA B 277 -8.45 35.80 7.85
C ALA B 277 -8.14 34.64 8.78
N LEU B 278 -8.90 33.55 8.65
CA LEU B 278 -8.66 32.32 9.42
C LEU B 278 -7.26 31.73 9.08
N TYR B 279 -6.95 31.65 7.78
CA TYR B 279 -5.61 31.23 7.37
C TYR B 279 -4.52 32.12 7.96
N GLN B 280 -4.74 33.45 7.91
CA GLN B 280 -3.75 34.32 8.57
C GLN B 280 -3.55 33.97 10.03
N ASP B 281 -4.60 33.58 10.72
CA ASP B 281 -4.44 33.15 12.13
C ASP B 281 -3.65 31.87 12.25
N PHE B 282 -3.89 30.95 11.33
CA PHE B 282 -3.14 29.69 11.35
C PHE B 282 -1.66 29.94 11.16
N VAL B 283 -1.31 30.86 10.23
CA VAL B 283 0.08 31.08 9.89
C VAL B 283 0.78 31.79 11.05
N ARG B 284 0.04 32.64 11.76
CA ARG B 284 0.62 33.32 12.91
C ARG B 284 0.85 32.36 14.08
N ASP B 285 -0.07 31.44 14.27
CA ASP B 285 -0.12 30.57 15.47
C ASP B 285 0.61 29.22 15.35
N TYR B 286 0.88 28.78 14.13
CA TYR B 286 1.42 27.45 13.86
C TYR B 286 2.41 27.58 12.72
N PRO B 287 3.36 26.65 12.63
CA PRO B 287 4.38 26.77 11.61
C PRO B 287 3.87 26.31 10.23
N VAL B 288 2.81 26.95 9.75
CA VAL B 288 2.22 26.60 8.46
C VAL B 288 3.01 27.36 7.43
N VAL B 289 3.61 26.67 6.48
CA VAL B 289 4.48 27.29 5.45
C VAL B 289 3.87 27.20 4.06
N SER B 290 2.75 26.45 3.94
CA SER B 290 2.21 26.19 2.60
C SER B 290 0.76 25.87 2.76
N ILE B 291 -0.07 26.48 1.91
CA ILE B 291 -1.54 26.14 1.91
C ILE B 291 -1.90 25.92 0.43
N GLU B 292 -2.49 24.76 0.18
CA GLU B 292 -2.93 24.38 -1.17
C GLU B 292 -4.48 24.50 -1.24
N ASP B 293 -4.92 24.95 -2.41
CA ASP B 293 -6.36 25.17 -2.69
C ASP B 293 -7.06 25.88 -1.56
N PRO B 294 -6.58 27.06 -1.22
CA PRO B 294 -7.25 27.78 -0.09
C PRO B 294 -8.64 28.32 -0.53
N PHE B 295 -8.86 28.48 -1.83
CA PHE B 295 -10.19 28.93 -2.31
C PHE B 295 -10.65 28.03 -3.45
N ASP B 296 -11.92 28.23 -3.83
CA ASP B 296 -12.47 27.48 -4.94
C ASP B 296 -11.71 27.61 -6.28
N GLN B 297 -11.75 26.57 -7.13
CA GLN B 297 -11.02 26.55 -8.38
C GLN B 297 -11.42 27.71 -9.37
N ASP B 298 -12.57 28.39 -9.11
CA ASP B 298 -13.01 29.49 -9.95
C ASP B 298 -12.95 30.83 -9.21
N ASP B 299 -12.57 30.84 -7.93
CA ASP B 299 -12.64 32.07 -7.14
C ASP B 299 -11.29 32.84 -7.28
N TRP B 300 -11.00 33.25 -8.51
CA TRP B 300 -9.72 33.85 -8.85
C TRP B 300 -9.40 35.06 -7.96
N ALA B 301 -10.40 35.89 -7.68
CA ALA B 301 -10.17 37.12 -6.89
C ALA B 301 -9.60 36.80 -5.53
N ALA B 302 -10.12 35.73 -4.89
CA ALA B 302 -9.63 35.39 -3.55
C ALA B 302 -8.18 34.89 -3.58
N TRP B 303 -7.85 34.06 -4.56
CA TRP B 303 -6.49 33.55 -4.74
C TRP B 303 -5.51 34.69 -4.92
N SER B 304 -5.81 35.63 -5.83
CA SER B 304 -4.82 36.71 -6.12
C SER B 304 -4.70 37.61 -4.90
N LYS B 305 -5.80 37.90 -4.22
CA LYS B 305 -5.74 38.83 -3.07
C LYS B 305 -4.95 38.17 -1.95
N PHE B 306 -5.26 36.91 -1.70
CA PHE B 306 -4.55 36.22 -0.61
C PHE B 306 -3.06 36.09 -0.89
N THR B 307 -2.68 35.71 -2.13
CA THR B 307 -1.29 35.44 -2.43
C THR B 307 -0.54 36.77 -2.29
N ALA B 308 -1.20 37.87 -2.69
CA ALA B 308 -0.55 39.21 -2.51
C ALA B 308 -0.38 39.66 -1.07
N ASN B 309 -1.06 39.04 -0.11
CA ASN B 309 -1.07 39.52 1.24
C ASN B 309 -0.37 38.58 2.24
N VAL B 310 0.27 37.52 1.75
CA VAL B 310 1.04 36.58 2.59
C VAL B 310 2.38 36.25 2.01
N GLY B 311 3.27 35.64 2.84
CA GLY B 311 4.56 35.22 2.31
C GLY B 311 4.71 33.72 2.17
N ILE B 312 3.66 33.00 2.55
CA ILE B 312 3.79 31.52 2.48
C ILE B 312 3.63 31.02 1.06
N GLN B 313 3.95 29.72 0.90
CA GLN B 313 3.68 29.05 -0.38
C GLN B 313 2.15 28.82 -0.52
N ILE B 314 1.64 29.13 -1.73
CA ILE B 314 0.21 28.99 -2.04
C ILE B 314 0.14 28.12 -3.25
N VAL B 315 -0.49 26.92 -3.05
CA VAL B 315 -0.38 25.87 -4.07
C VAL B 315 -1.65 25.72 -4.87
N GLY B 316 -1.57 25.81 -6.21
CA GLY B 316 -2.72 25.51 -7.08
C GLY B 316 -2.78 23.98 -7.29
N ASP B 317 -3.98 23.40 -7.08
CA ASP B 317 -4.17 21.98 -7.40
C ASP B 317 -5.39 21.97 -8.30
N ASP B 318 -6.60 22.04 -7.73
CA ASP B 318 -7.84 22.11 -8.56
C ASP B 318 -7.93 23.47 -9.32
N LEU B 319 -7.20 24.48 -8.83
CA LEU B 319 -7.17 25.76 -9.60
C LEU B 319 -6.47 25.52 -10.97
N THR B 320 -5.35 24.80 -10.97
CA THR B 320 -4.45 24.78 -12.13
C THR B 320 -4.53 23.47 -12.92
N VAL B 321 -4.94 22.39 -12.24
CA VAL B 321 -5.05 21.01 -12.80
C VAL B 321 -3.93 20.60 -13.79
N THR B 322 -2.68 20.94 -13.43
CA THR B 322 -1.51 20.56 -14.18
C THR B 322 -1.69 20.91 -15.65
N ASN B 323 -2.34 22.05 -15.87
CA ASN B 323 -2.80 22.38 -17.21
C ASN B 323 -2.24 23.68 -17.69
N PRO B 324 -1.31 23.63 -18.69
CA PRO B 324 -0.62 24.87 -19.12
C PRO B 324 -1.59 26.06 -19.34
N LYS B 325 -2.78 25.81 -19.88
CA LYS B 325 -3.75 26.91 -20.12
C LYS B 325 -4.22 27.65 -18.83
N ARG B 326 -4.50 26.84 -17.82
CA ARG B 326 -4.92 27.39 -16.52
C ARG B 326 -3.70 27.98 -15.83
N ILE B 327 -2.51 27.35 -15.94
CA ILE B 327 -1.34 27.82 -15.29
C ILE B 327 -1.01 29.22 -15.89
N GLU B 328 -1.12 29.38 -17.22
CA GLU B 328 -0.90 30.74 -17.82
C GLU B 328 -1.78 31.82 -17.18
N ARG B 329 -3.06 31.54 -16.98
CA ARG B 329 -3.93 32.45 -16.30
C ARG B 329 -3.46 32.76 -14.88
N ALA B 330 -3.12 31.69 -14.12
CA ALA B 330 -2.74 31.86 -12.75
C ALA B 330 -1.44 32.65 -12.67
N VAL B 331 -0.57 32.51 -13.65
CA VAL B 331 0.69 33.29 -13.63
C VAL B 331 0.35 34.74 -13.85
N GLU B 332 -0.43 35.03 -14.90
CA GLU B 332 -0.86 36.41 -15.25
C GLU B 332 -1.59 37.13 -14.10
N GLU B 333 -2.46 36.40 -13.39
CA GLU B 333 -3.22 36.98 -12.26
C GLU B 333 -2.51 36.89 -10.93
N LYS B 334 -1.33 36.25 -10.93
CA LYS B 334 -0.61 36.05 -9.65
C LYS B 334 -1.47 35.37 -8.62
N ALA B 335 -2.17 34.35 -9.09
CA ALA B 335 -3.17 33.66 -8.25
C ALA B 335 -2.51 32.78 -7.19
N CYS B 336 -1.33 32.27 -7.49
CA CYS B 336 -0.67 31.35 -6.54
C CYS B 336 0.82 31.40 -6.86
N ASN B 337 1.64 30.62 -6.16
CA ASN B 337 3.07 30.64 -6.43
C ASN B 337 3.68 29.25 -6.45
N CYS B 338 2.84 28.20 -6.44
CA CYS B 338 3.39 26.85 -6.56
C CYS B 338 2.35 26.03 -7.30
N LEU B 339 2.83 25.12 -8.15
CA LEU B 339 1.93 24.21 -8.86
C LEU B 339 1.96 22.81 -8.21
N LEU B 340 0.80 22.22 -7.96
CA LEU B 340 0.78 20.81 -7.56
C LEU B 340 0.77 20.04 -8.89
N LEU B 341 1.73 19.13 -9.06
CA LEU B 341 1.91 18.43 -10.39
C LEU B 341 1.33 17.00 -10.27
N LYS B 342 0.20 16.81 -10.95
CA LYS B 342 -0.46 15.50 -11.04
C LYS B 342 -0.54 15.07 -12.47
N VAL B 343 0.25 14.06 -12.81
CA VAL B 343 0.31 13.59 -14.22
C VAL B 343 -1.12 13.22 -14.72
N ASN B 344 -2.00 12.72 -13.88
CA ASN B 344 -3.28 12.28 -14.41
C ASN B 344 -4.33 13.41 -14.40
N GLN B 345 -4.01 14.60 -13.91
CA GLN B 345 -4.94 15.71 -14.17
C GLN B 345 -4.82 16.19 -15.62
N ILE B 346 -3.70 15.91 -16.32
CA ILE B 346 -3.49 16.39 -17.66
C ILE B 346 -3.42 15.20 -18.66
N GLY B 347 -2.82 14.08 -18.24
CA GLY B 347 -3.01 12.81 -19.01
C GLY B 347 -1.83 12.36 -19.82
N SER B 348 -0.72 13.11 -19.83
CA SER B 348 0.49 12.61 -20.48
C SER B 348 1.75 13.09 -19.78
N VAL B 349 2.82 12.32 -19.91
CA VAL B 349 4.12 12.78 -19.33
C VAL B 349 4.62 14.07 -19.97
N THR B 350 4.53 14.14 -21.29
CA THR B 350 4.99 15.33 -21.98
C THR B 350 4.27 16.56 -21.46
N GLU B 351 2.93 16.46 -21.34
CA GLU B 351 2.21 17.67 -20.92
C GLU B 351 2.51 18.04 -19.46
N ALA B 352 2.71 17.05 -18.61
CA ALA B 352 2.98 17.33 -17.20
C ALA B 352 4.35 18.00 -17.10
N ILE B 353 5.34 17.51 -17.88
CA ILE B 353 6.71 18.16 -17.91
C ILE B 353 6.54 19.59 -18.40
N GLN B 354 5.71 19.81 -19.45
CA GLN B 354 5.53 21.20 -19.96
C GLN B 354 4.88 22.09 -18.86
N ALA B 355 3.89 21.56 -18.13
CA ALA B 355 3.27 22.28 -17.03
C ALA B 355 4.31 22.65 -15.95
N CYS B 356 5.19 21.72 -15.56
CA CYS B 356 6.21 21.98 -14.53
C CYS B 356 7.15 23.08 -15.03
N LYS B 357 7.59 22.93 -16.28
CA LYS B 357 8.56 23.93 -16.83
C LYS B 357 7.93 25.29 -16.91
N LEU B 358 6.65 25.35 -17.26
CA LEU B 358 5.96 26.66 -17.31
C LEU B 358 5.89 27.34 -15.94
N ALA B 359 5.59 26.54 -14.90
CA ALA B 359 5.58 27.07 -13.53
C ALA B 359 7.00 27.52 -13.16
N GLN B 360 8.01 26.67 -13.37
CA GLN B 360 9.36 26.99 -12.86
C GLN B 360 9.90 28.22 -13.61
N GLU B 361 9.66 28.27 -14.93
CA GLU B 361 10.03 29.50 -15.73
C GLU B 361 9.45 30.79 -15.25
N ASN B 362 8.33 30.74 -14.54
CA ASN B 362 7.65 31.92 -14.05
C ASN B 362 7.89 32.09 -12.55
N GLY B 363 8.89 31.40 -12.02
CA GLY B 363 9.23 31.64 -10.66
C GLY B 363 8.42 30.92 -9.60
N TRP B 364 7.62 29.95 -10.02
CA TRP B 364 6.84 29.18 -9.01
C TRP B 364 7.59 27.98 -8.49
N GLY B 365 7.18 27.49 -7.32
CA GLY B 365 7.66 26.17 -6.83
C GLY B 365 6.74 25.14 -7.55
N VAL B 366 7.08 23.87 -7.41
CA VAL B 366 6.25 22.79 -7.91
C VAL B 366 6.37 21.64 -6.88
N MET B 367 5.23 21.13 -6.49
CA MET B 367 5.14 20.01 -5.58
C MET B 367 4.51 18.83 -6.31
N VAL B 368 5.31 17.78 -6.54
CA VAL B 368 4.77 16.60 -7.21
C VAL B 368 3.82 15.88 -6.27
N SER B 369 2.72 15.30 -6.80
CA SER B 369 1.70 14.77 -5.90
C SER B 369 1.15 13.43 -6.42
N HIS B 370 0.91 12.57 -5.41
CA HIS B 370 0.05 11.38 -5.62
C HIS B 370 -1.40 11.74 -5.86
N ARG B 371 -2.24 10.71 -6.11
CA ARG B 371 -3.69 10.86 -5.92
C ARG B 371 -4.16 10.08 -4.69
N SER B 372 -5.35 10.34 -4.19
CA SER B 372 -5.84 9.60 -2.98
C SER B 372 -6.07 8.09 -3.29
N GLY B 373 -6.30 7.79 -4.58
CA GLY B 373 -6.35 6.38 -5.11
C GLY B 373 -5.02 6.11 -5.82
N GLU B 374 -4.14 5.35 -5.15
CA GLU B 374 -2.79 5.10 -5.70
C GLU B 374 -2.57 3.64 -6.06
N THR B 375 -1.42 3.34 -6.64
CA THR B 375 -1.06 1.95 -6.82
C THR B 375 0.38 1.75 -6.38
N GLU B 376 0.90 0.51 -6.60
CA GLU B 376 2.29 0.16 -6.25
C GLU B 376 3.30 0.85 -7.19
N ASP B 377 2.81 1.56 -8.22
CA ASP B 377 3.69 2.26 -9.18
C ASP B 377 4.51 3.33 -8.43
N THR B 378 5.77 3.52 -8.76
CA THR B 378 6.58 4.56 -8.10
C THR B 378 7.11 5.56 -9.07
N PHE B 379 6.46 5.72 -10.25
CA PHE B 379 6.97 6.73 -11.23
C PHE B 379 7.19 8.10 -10.64
N ILE B 380 6.25 8.57 -9.80
CA ILE B 380 6.35 9.97 -9.34
C ILE B 380 7.58 10.23 -8.46
N ALA B 381 8.14 9.17 -7.88
CA ALA B 381 9.44 9.34 -7.14
C ALA B 381 10.56 9.74 -8.10
N ASP B 382 10.71 8.99 -9.20
CA ASP B 382 11.70 9.38 -10.20
C ASP B 382 11.35 10.76 -10.82
N LEU B 383 10.06 11.02 -11.00
CA LEU B 383 9.60 12.27 -11.63
C LEU B 383 10.06 13.50 -10.80
N VAL B 384 9.84 13.46 -9.48
CA VAL B 384 10.17 14.64 -8.64
C VAL B 384 11.68 14.90 -8.64
N VAL B 385 12.49 13.82 -8.68
CA VAL B 385 13.94 14.00 -8.68
C VAL B 385 14.37 14.55 -10.05
N GLY B 386 13.88 13.94 -11.13
CA GLY B 386 14.26 14.41 -12.50
C GLY B 386 13.82 15.87 -12.78
N LEU B 387 12.68 16.27 -12.25
CA LEU B 387 12.16 17.65 -12.47
C LEU B 387 12.77 18.64 -11.43
N CYS B 388 13.57 18.09 -10.50
CA CYS B 388 14.30 18.86 -9.49
C CYS B 388 13.33 19.83 -8.76
N THR B 389 12.14 19.39 -8.41
CA THR B 389 11.18 20.39 -7.83
C THR B 389 11.39 20.67 -6.35
N GLY B 390 12.09 19.76 -5.64
CA GLY B 390 12.31 19.97 -4.17
C GLY B 390 11.21 19.59 -3.21
N GLN B 391 10.01 19.18 -3.76
CA GLN B 391 8.90 18.87 -2.83
C GLN B 391 8.01 17.81 -3.47
N ILE B 392 7.61 16.86 -2.62
CA ILE B 392 6.61 15.86 -3.06
C ILE B 392 5.64 15.56 -1.92
N LYS B 393 4.32 15.41 -2.22
CA LYS B 393 3.37 14.88 -1.24
C LYS B 393 2.90 13.55 -1.81
N THR B 394 3.11 12.49 -1.02
CA THR B 394 2.69 11.18 -1.51
C THR B 394 2.21 10.27 -0.35
N GLY B 395 1.64 10.86 0.70
CA GLY B 395 0.94 10.05 1.67
C GLY B 395 1.54 10.26 3.04
N ALA B 396 0.82 9.79 4.04
CA ALA B 396 1.44 9.52 5.34
C ALA B 396 2.54 8.41 5.13
N PRO B 397 3.42 8.22 6.13
CA PRO B 397 4.38 7.11 6.01
C PRO B 397 3.66 5.78 6.46
N CYS B 398 2.52 5.49 5.82
CA CYS B 398 1.68 4.36 6.22
C CYS B 398 0.89 4.04 4.97
N ARG B 399 0.78 2.75 4.65
CA ARG B 399 0.13 2.16 3.46
C ARG B 399 1.12 2.12 2.32
N SER B 400 1.38 0.94 1.74
CA SER B 400 2.59 0.90 0.84
C SER B 400 2.36 1.51 -0.55
N GLU B 401 1.12 1.90 -0.93
CA GLU B 401 1.05 2.75 -2.14
C GLU B 401 1.69 4.11 -1.88
N ARG B 402 1.83 4.46 -0.57
CA ARG B 402 2.59 5.70 -0.20
C ARG B 402 4.08 5.33 0.01
N LEU B 403 4.36 4.31 0.87
CA LEU B 403 5.76 4.02 1.16
C LEU B 403 6.49 3.57 -0.13
N ALA B 404 5.82 2.96 -1.13
CA ALA B 404 6.55 2.57 -2.38
C ALA B 404 7.29 3.76 -2.95
N LYS B 405 6.64 4.93 -2.90
CA LYS B 405 7.27 6.10 -3.49
C LYS B 405 8.40 6.57 -2.55
N TYR B 406 8.14 6.63 -1.24
CA TYR B 406 9.14 7.14 -0.29
C TYR B 406 10.38 6.20 -0.32
N ASN B 407 10.13 4.89 -0.38
CA ASN B 407 11.24 3.93 -0.44
C ASN B 407 12.02 4.09 -1.70
N GLN B 408 11.33 4.36 -2.79
CA GLN B 408 12.06 4.57 -4.04
C GLN B 408 12.93 5.85 -3.97
N LEU B 409 12.38 6.92 -3.36
CA LEU B 409 13.20 8.13 -3.12
C LEU B 409 14.45 7.81 -2.25
N MET B 410 14.31 6.97 -1.22
CA MET B 410 15.52 6.54 -0.49
C MET B 410 16.51 5.82 -1.39
N ARG B 411 16.00 4.90 -2.25
CA ARG B 411 16.86 4.21 -3.25
C ARG B 411 17.60 5.19 -4.20
N ILE B 412 16.89 6.23 -4.65
CA ILE B 412 17.53 7.15 -5.59
C ILE B 412 18.63 7.93 -4.83
N GLU B 413 18.34 8.32 -3.60
CA GLU B 413 19.30 9.10 -2.79
C GLU B 413 20.57 8.22 -2.63
N GLU B 414 20.35 6.92 -2.28
CA GLU B 414 21.48 5.98 -2.24
C GLU B 414 22.25 5.88 -3.58
N GLU B 415 21.55 5.78 -4.72
CA GLU B 415 22.13 5.62 -6.06
C GLU B 415 22.98 6.88 -6.35
N LEU B 416 22.54 8.06 -5.92
CA LEU B 416 23.28 9.28 -6.27
C LEU B 416 24.56 9.44 -5.43
N GLY B 417 24.68 8.73 -4.29
CA GLY B 417 25.98 8.64 -3.52
C GLY B 417 26.38 10.03 -3.07
N ASP B 418 27.70 10.37 -3.26
CA ASP B 418 28.24 11.68 -2.89
C ASP B 418 27.59 12.90 -3.59
N GLU B 419 26.92 12.66 -4.72
CA GLU B 419 26.24 13.64 -5.55
C GLU B 419 24.80 13.96 -5.05
N ALA B 420 24.27 13.18 -4.09
CA ALA B 420 22.90 13.45 -3.55
C ALA B 420 22.81 14.80 -2.85
N ARG B 421 21.81 15.59 -3.19
CA ARG B 421 21.55 16.86 -2.49
C ARG B 421 20.10 16.86 -2.05
N PHE B 422 19.82 17.31 -0.85
CA PHE B 422 18.46 17.31 -0.29
C PHE B 422 17.99 18.73 -0.20
N ALA B 423 16.76 18.98 -0.63
CA ALA B 423 16.31 20.37 -0.76
C ALA B 423 16.17 21.06 0.57
N GLY B 424 15.84 20.32 1.63
CA GLY B 424 15.71 20.86 2.98
C GLY B 424 15.03 22.22 3.07
N HIS B 425 15.73 23.19 3.66
CA HIS B 425 15.10 24.49 3.90
C HIS B 425 14.86 25.24 2.61
N ASN B 426 15.49 24.80 1.51
CA ASN B 426 15.30 25.40 0.15
C ASN B 426 14.20 24.74 -0.74
N PHE B 427 13.30 24.00 -0.08
CA PHE B 427 12.25 23.27 -0.79
C PHE B 427 11.42 24.16 -1.72
N ARG B 428 11.22 25.45 -1.36
CA ARG B 428 10.44 26.34 -2.24
C ARG B 428 11.17 26.82 -3.50
N ASN B 429 12.51 26.81 -3.41
CA ASN B 429 13.33 27.38 -4.45
C ASN B 429 14.66 26.61 -4.52
N PRO B 430 14.59 25.37 -4.98
CA PRO B 430 15.70 24.47 -4.76
C PRO B 430 16.79 24.81 -5.75
N SER B 431 16.49 25.54 -6.82
CA SER B 431 17.49 25.84 -7.88
C SER B 431 18.70 26.64 -7.36
N VAL B 432 18.57 27.22 -6.17
CA VAL B 432 19.74 27.83 -5.50
C VAL B 432 20.77 26.78 -5.01
N LEU B 433 20.38 25.51 -5.06
CA LEU B 433 21.30 24.37 -5.08
C LEU B 433 21.29 23.88 -6.57
#